data_5CZV
#
_entry.id   5CZV
#
_cell.length_a   91.917
_cell.length_b   104.349
_cell.length_c   92.849
_cell.angle_alpha   90.000
_cell.angle_beta   113.170
_cell.angle_gamma   90.000
#
_symmetry.space_group_name_H-M   'C 1 2 1'
#
loop_
_entity.id
_entity.type
_entity.pdbx_description
1 polymer 'Neurogenic locus notch homolog protein 3'
2 polymer 'Fab 20350 heavy chain'
3 polymer 'Fab 20350 light chain'
4 non-polymer 'CALCIUM ION'
5 non-polymer 2-acetamido-2-deoxy-beta-D-glucopyranose
6 water water
#
loop_
_entity_poly.entity_id
_entity_poly.type
_entity_poly.pdbx_seq_one_letter_code
_entity_poly.pdbx_strand_id
1 'polypeptide(L)'
;APEVSEEPRCPRAACQAKRGDQRCDRECNSPGCGWDGGDCSLSVGDPWRQCEALQCWRLFNNSRCDPACSSPACLYDNFD
CHAGGRERTCNPVYEKYCADHFADGRCDQGCNTEECGWDGLDCASEVPALLARGVLVLTVLLPPEELLRSSADFLQRLSA
ILRTSLRFRLDAHGQAMVFPYHRPSPGSEPRARRELAPEVIGSVVMLEIDNRLCLQSPENDHCFPDAQSAADYLGALSAV
ERLDFPYPLRDVRGEPLEPPEPSGSHHHHHH
;
A
2 'polypeptide(L)'
;QVQLVQSGAEVKKPGSSVKVSCKASGGTFSSYTISWVRQAPGQGLEWMGWIKPRWGAAHYAQKFQGRVTITADESTSTAY
MELSSLRSEDTAVYYCARGSFWFGYWGQGTLVTVSSASTKGPSVFPLAPSSKSTSGGTAALGCLVKDYFPEPVTVSWNSG
ALTSGVHTFPAVLQSSGLYSLSSVVTVPSSSLGTQTYICNVNHKPSNTKVDKRVEPKSCDKTH
;
H
3 'polypeptide(L)'
;DIQMTQSPSSLSASVGDRVTITCRASQGINNYLNWYQQKPGKAPKLLIYDASKLQSGVPSRFSGSGSGTDFTLTISSLQP
EDFATYYCQQYLQYPMTFGQGTKVEIKRTVAAPSVFIFPPSDEQLKSGTASVVCLLNNFYPREAKVQWKVDNALQSGNSQ
ESVTEQDSKDSTYSLSSTLTLSKADYEKHKVYACEVTHQGLSSPVTKSFNRGEC
;
L
#
# COMPACT_ATOMS: atom_id res chain seq x y z
N ALA A 14 -13.27 37.28 -29.12
CA ALA A 14 -13.15 38.07 -27.90
C ALA A 14 -11.79 38.80 -27.80
N CYS A 15 -10.71 38.09 -27.41
CA CYS A 15 -9.35 38.65 -27.27
C CYS A 15 -8.24 37.67 -27.71
N GLN A 16 -8.31 37.22 -28.97
CA GLN A 16 -7.32 36.31 -29.57
C GLN A 16 -5.97 37.01 -29.79
N ALA A 17 -5.99 38.36 -30.00
CA ALA A 17 -4.83 39.23 -30.24
C ALA A 17 -3.95 39.43 -28.98
N LYS A 18 -4.47 39.03 -27.81
CA LYS A 18 -3.76 39.13 -26.54
C LYS A 18 -3.25 37.79 -26.00
N ARG A 19 -3.69 36.66 -26.58
CA ARG A 19 -3.25 35.32 -26.18
C ARG A 19 -1.78 35.10 -26.54
N GLY A 20 -0.93 34.91 -25.53
CA GLY A 20 0.51 34.71 -25.71
C GLY A 20 1.27 35.93 -26.15
N ASP A 21 0.77 37.14 -25.77
CA ASP A 21 1.38 38.42 -26.15
C ASP A 21 2.46 38.93 -25.14
N GLN A 22 2.91 38.04 -24.25
CA GLN A 22 3.92 38.28 -23.20
C GLN A 22 3.54 39.43 -22.23
N ARG A 23 2.22 39.66 -22.06
CA ARG A 23 1.65 40.66 -21.17
C ARG A 23 0.34 40.11 -20.59
N CYS A 24 0.24 39.98 -19.23
CA CYS A 24 -0.99 39.45 -18.64
C CYS A 24 -2.16 40.46 -18.70
N ASP A 25 -3.29 39.98 -19.22
CA ASP A 25 -4.56 40.70 -19.37
C ASP A 25 -5.66 39.93 -18.61
N ARG A 26 -6.03 40.42 -17.39
CA ARG A 26 -6.99 39.76 -16.48
C ARG A 26 -8.38 39.51 -17.09
N GLU A 27 -8.77 40.28 -18.13
CA GLU A 27 -10.04 40.13 -18.86
C GLU A 27 -10.07 38.84 -19.67
N CYS A 28 -8.87 38.34 -20.04
CA CYS A 28 -8.64 37.12 -20.82
C CYS A 28 -8.10 35.98 -19.95
N ASN A 29 -7.90 36.27 -18.65
CA ASN A 29 -7.41 35.28 -17.71
C ASN A 29 -8.55 34.41 -17.18
N SER A 30 -8.81 33.30 -17.89
CA SER A 30 -9.86 32.33 -17.61
C SER A 30 -9.40 30.98 -18.17
N PRO A 31 -9.91 29.83 -17.67
CA PRO A 31 -9.46 28.54 -18.23
C PRO A 31 -9.81 28.36 -19.71
N GLY A 32 -10.95 28.94 -20.14
CA GLY A 32 -11.41 28.93 -21.52
C GLY A 32 -10.39 29.57 -22.45
N CYS A 33 -9.90 30.76 -22.06
CA CYS A 33 -8.91 31.51 -22.82
C CYS A 33 -7.44 31.10 -22.48
N GLY A 34 -7.30 29.95 -21.83
CA GLY A 34 -6.03 29.32 -21.46
C GLY A 34 -5.11 30.16 -20.61
N TRP A 35 -5.72 30.88 -19.63
CA TRP A 35 -5.07 31.79 -18.68
C TRP A 35 -4.33 32.90 -19.45
N ASP A 36 -5.01 33.46 -20.47
CA ASP A 36 -4.52 34.50 -21.39
C ASP A 36 -3.34 33.95 -22.19
N GLY A 37 -3.48 32.73 -22.68
CA GLY A 37 -2.45 32.05 -23.45
C GLY A 37 -1.14 31.81 -22.68
N GLY A 38 -1.29 31.56 -21.37
CA GLY A 38 -0.17 31.31 -20.48
C GLY A 38 0.45 32.56 -19.87
N ASP A 39 0.14 33.80 -20.42
CA ASP A 39 0.70 35.10 -19.94
C ASP A 39 0.37 35.43 -18.50
N CYS A 40 -0.74 34.91 -18.01
CA CYS A 40 -1.15 35.15 -16.65
C CYS A 40 -0.83 33.98 -15.72
N SER A 41 -0.33 32.85 -16.28
CA SER A 41 0.07 31.65 -15.51
C SER A 41 1.57 31.35 -15.62
N LEU A 42 2.36 32.41 -15.77
CA LEU A 42 3.82 32.38 -15.84
C LEU A 42 4.38 31.43 -16.92
N SER A 43 3.72 31.37 -18.10
CA SER A 43 4.03 30.53 -19.30
C SER A 43 3.69 29.04 -19.14
N VAL A 44 3.05 28.69 -18.02
CA VAL A 44 2.60 27.33 -17.78
C VAL A 44 1.26 27.24 -18.50
N GLY A 45 1.22 26.38 -19.52
CA GLY A 45 0.02 26.18 -20.34
C GLY A 45 -1.23 25.91 -19.51
N ASP A 46 -1.22 24.74 -18.82
CA ASP A 46 -2.29 24.30 -17.93
C ASP A 46 -1.67 23.78 -16.65
N PRO A 47 -1.62 24.61 -15.56
CA PRO A 47 -1.02 24.12 -14.31
C PRO A 47 -1.72 22.86 -13.78
N TRP A 48 -3.01 22.68 -14.11
CA TRP A 48 -3.83 21.54 -13.70
C TRP A 48 -3.90 20.41 -14.74
N ARG A 49 -3.01 20.40 -15.76
CA ARG A 49 -3.03 19.45 -16.91
C ARG A 49 -3.07 17.95 -16.53
N GLN A 50 -2.62 17.58 -15.34
CA GLN A 50 -2.64 16.17 -14.90
C GLN A 50 -3.74 15.92 -13.86
N CYS A 51 -4.36 17.01 -13.37
CA CYS A 51 -5.43 16.96 -12.35
C CYS A 51 -6.59 16.18 -12.91
N GLU A 52 -7.03 15.17 -12.15
CA GLU A 52 -8.10 14.26 -12.58
C GLU A 52 -9.50 14.89 -12.53
N ALA A 53 -9.71 15.94 -11.71
CA ALA A 53 -10.99 16.65 -11.63
C ALA A 53 -10.89 18.02 -12.32
N LEU A 54 -11.78 18.28 -13.28
CA LEU A 54 -11.74 19.46 -14.12
C LEU A 54 -12.02 20.80 -13.43
N GLN A 55 -12.90 20.83 -12.42
CA GLN A 55 -13.21 22.14 -11.86
C GLN A 55 -12.44 22.44 -10.55
N CYS A 56 -11.18 21.95 -10.47
CA CYS A 56 -10.35 22.17 -9.27
C CYS A 56 -9.81 23.62 -9.13
N TRP A 57 -9.47 24.28 -10.25
CA TRP A 57 -9.00 25.66 -10.24
C TRP A 57 -9.96 26.63 -9.54
N ARG A 58 -11.30 26.37 -9.63
CA ARG A 58 -12.34 27.20 -9.01
C ARG A 58 -12.25 27.14 -7.49
N LEU A 59 -11.75 26.01 -6.98
CA LEU A 59 -11.61 25.70 -5.55
C LEU A 59 -10.19 25.94 -5.03
N PHE A 60 -9.26 26.34 -5.91
CA PHE A 60 -7.84 26.54 -5.57
C PHE A 60 -7.59 27.78 -4.70
N ASN A 61 -8.41 28.83 -4.93
CA ASN A 61 -8.34 30.16 -4.30
C ASN A 61 -9.22 30.36 -3.04
N ASN A 62 -10.08 29.38 -2.69
CA ASN A 62 -11.08 29.49 -1.62
C ASN A 62 -10.64 29.38 -0.11
N SER A 63 -9.34 29.25 0.23
CA SER A 63 -8.86 29.17 1.63
C SER A 63 -9.55 28.04 2.44
N ARG A 64 -9.96 26.95 1.74
CA ARG A 64 -10.60 25.81 2.39
C ARG A 64 -10.19 24.51 1.72
N CYS A 65 -10.16 23.44 2.53
CA CYS A 65 -9.79 22.13 2.05
C CYS A 65 -10.88 21.51 1.18
N ASP A 66 -10.48 21.13 -0.02
CA ASP A 66 -11.32 20.44 -1.00
C ASP A 66 -10.58 19.13 -1.30
N PRO A 67 -10.92 18.08 -0.52
CA PRO A 67 -10.17 16.83 -0.62
C PRO A 67 -10.07 16.21 -2.01
N ALA A 68 -11.08 16.41 -2.88
CA ALA A 68 -11.05 15.87 -4.22
C ALA A 68 -9.99 16.57 -5.10
N CYS A 69 -9.53 17.75 -4.67
CA CYS A 69 -8.52 18.55 -5.37
C CYS A 69 -7.16 18.55 -4.65
N SER A 70 -6.96 17.62 -3.69
CA SER A 70 -5.77 17.61 -2.85
C SER A 70 -4.59 16.79 -3.36
N SER A 71 -4.75 16.01 -4.44
CA SER A 71 -3.66 15.20 -5.02
C SER A 71 -2.49 16.05 -5.54
N PRO A 72 -1.25 15.50 -5.70
CA PRO A 72 -0.16 16.34 -6.25
C PRO A 72 -0.48 16.88 -7.67
N ALA A 73 -1.24 16.08 -8.48
CA ALA A 73 -1.67 16.41 -9.86
C ALA A 73 -2.57 17.64 -9.85
N CYS A 74 -3.35 17.79 -8.75
CA CYS A 74 -4.30 18.85 -8.47
C CYS A 74 -3.70 19.95 -7.58
N LEU A 75 -2.38 20.04 -7.58
CA LEU A 75 -1.55 21.06 -6.92
C LEU A 75 -1.89 21.28 -5.42
N TYR A 76 -2.13 20.14 -4.71
CA TYR A 76 -2.37 20.06 -3.26
C TYR A 76 -3.50 20.97 -2.76
N ASP A 77 -4.42 21.38 -3.66
CA ASP A 77 -5.50 22.32 -3.39
C ASP A 77 -4.91 23.59 -2.70
N ASN A 78 -3.78 24.11 -3.26
CA ASN A 78 -3.07 25.29 -2.75
C ASN A 78 -2.71 25.15 -1.26
N PHE A 79 -2.34 23.92 -0.84
CA PHE A 79 -1.96 23.56 0.52
C PHE A 79 -3.05 23.79 1.56
N ASP A 80 -4.32 23.96 1.18
CA ASP A 80 -5.39 24.24 2.16
C ASP A 80 -5.88 23.02 2.93
N CYS A 81 -5.43 21.84 2.53
CA CYS A 81 -5.72 20.60 3.24
C CYS A 81 -4.54 20.33 4.20
N HIS A 82 -3.32 20.66 3.76
CA HIS A 82 -2.08 20.47 4.50
C HIS A 82 -1.87 21.50 5.60
N ALA A 83 -2.02 22.79 5.26
CA ALA A 83 -1.84 23.89 6.21
C ALA A 83 -3.17 24.66 6.27
N GLY A 84 -4.07 24.15 7.10
CA GLY A 84 -5.41 24.72 7.27
C GLY A 84 -5.52 26.00 8.10
N GLY A 85 -4.70 26.09 9.17
CA GLY A 85 -4.68 27.20 10.12
C GLY A 85 -3.64 28.25 9.82
N ARG A 86 -3.34 29.11 10.82
CA ARG A 86 -2.38 30.23 10.80
C ARG A 86 -1.02 29.88 10.19
N GLU A 87 -0.61 28.61 10.34
CA GLU A 87 0.66 28.11 9.82
C GLU A 87 0.71 28.17 8.29
N ARG A 88 -0.42 28.52 7.64
CA ARG A 88 -0.50 28.69 6.19
C ARG A 88 0.36 29.85 5.72
N THR A 89 0.58 30.85 6.57
CA THR A 89 1.40 32.00 6.22
C THR A 89 2.38 32.39 7.33
N CYS A 90 3.48 33.03 6.92
CA CYS A 90 4.44 33.63 7.83
C CYS A 90 3.79 34.90 8.42
N ASN A 91 4.06 35.21 9.69
CA ASN A 91 3.47 36.41 10.29
C ASN A 91 4.05 37.67 9.60
N PRO A 92 3.18 38.60 9.04
CA PRO A 92 3.71 39.81 8.40
C PRO A 92 4.61 40.68 9.29
N VAL A 93 4.39 40.64 10.62
CA VAL A 93 5.21 41.41 11.53
C VAL A 93 6.65 40.83 11.58
N TYR A 94 6.81 39.55 11.21
CA TYR A 94 8.13 38.86 11.22
C TYR A 94 8.68 38.76 9.79
N GLU A 95 7.84 39.09 8.78
CA GLU A 95 8.22 38.97 7.38
C GLU A 95 9.47 39.77 7.02
N LYS A 96 9.60 41.13 7.31
CA LYS A 96 10.88 41.85 7.03
C LYS A 96 12.10 41.24 7.78
N TYR A 97 11.95 40.94 9.08
CA TYR A 97 13.00 40.30 9.88
C TYR A 97 13.49 39.02 9.21
N CYS A 98 12.56 38.13 8.80
CA CYS A 98 12.94 36.84 8.19
C CYS A 98 13.68 37.00 6.86
N ALA A 99 13.31 38.04 6.07
CA ALA A 99 13.96 38.39 4.80
C ALA A 99 15.36 38.91 5.06
N ASP A 100 15.53 39.74 6.09
CA ASP A 100 16.81 40.31 6.48
C ASP A 100 17.79 39.27 7.07
N HIS A 101 17.26 38.21 7.72
CA HIS A 101 18.06 37.20 8.41
C HIS A 101 18.10 35.81 7.73
N PHE A 102 17.52 35.68 6.54
CA PHE A 102 17.53 34.45 5.75
C PHE A 102 18.94 34.13 5.27
N ALA A 103 19.39 32.87 5.42
CA ALA A 103 20.69 32.42 4.97
C ALA A 103 21.83 33.43 5.26
N ASP A 104 21.88 33.93 6.51
CA ASP A 104 22.91 34.86 6.97
C ASP A 104 23.98 34.12 7.81
N GLY A 105 23.90 32.78 7.84
CA GLY A 105 24.82 31.97 8.61
C GLY A 105 24.59 31.93 10.12
N ARG A 106 23.43 32.47 10.58
CA ARG A 106 23.07 32.46 12.00
C ARG A 106 21.66 31.94 12.15
N CYS A 107 21.48 30.95 13.03
CA CYS A 107 20.18 30.33 13.27
C CYS A 107 19.20 31.29 13.98
N ASP A 108 18.09 31.64 13.29
CA ASP A 108 17.00 32.46 13.79
C ASP A 108 15.76 31.53 13.87
N GLN A 109 15.46 31.01 15.08
CA GLN A 109 14.37 30.06 15.30
C GLN A 109 12.97 30.58 14.91
N GLY A 110 12.70 31.86 15.06
CA GLY A 110 11.43 32.44 14.65
C GLY A 110 11.14 32.32 13.16
N CYS A 111 12.18 32.18 12.33
CA CYS A 111 12.09 32.03 10.88
C CYS A 111 12.28 30.58 10.47
N ASN A 112 12.55 29.68 11.44
CA ASN A 112 12.78 28.26 11.20
C ASN A 112 11.50 27.43 11.13
N THR A 113 10.63 27.79 10.16
CA THR A 113 9.34 27.14 9.85
C THR A 113 9.21 27.16 8.34
N GLU A 114 8.49 26.19 7.74
CA GLU A 114 8.32 26.11 6.27
C GLU A 114 7.62 27.31 5.70
N GLU A 115 6.65 27.89 6.41
CA GLU A 115 5.91 29.06 5.91
C GLU A 115 6.73 30.37 5.88
N CYS A 116 7.82 30.46 6.67
CA CYS A 116 8.70 31.64 6.76
C CYS A 116 9.98 31.51 5.93
N GLY A 117 10.18 30.36 5.28
CA GLY A 117 11.35 30.11 4.46
C GLY A 117 12.49 29.32 5.10
N TRP A 118 12.23 28.65 6.26
CA TRP A 118 13.21 27.79 6.96
C TRP A 118 14.56 28.46 7.34
N ASP A 119 14.57 29.80 7.48
CA ASP A 119 15.75 30.60 7.80
C ASP A 119 16.90 30.36 6.81
N GLY A 120 16.54 29.99 5.58
CA GLY A 120 17.47 29.69 4.51
C GLY A 120 18.44 28.58 4.84
N LEU A 121 17.98 27.62 5.71
CA LEU A 121 18.68 26.45 6.23
C LEU A 121 19.82 26.75 7.24
N ASP A 122 19.87 27.96 7.83
CA ASP A 122 20.86 28.34 8.84
C ASP A 122 20.76 27.48 10.09
N CYS A 123 19.60 26.87 10.38
CA CYS A 123 19.41 26.03 11.57
C CYS A 123 19.64 24.55 11.28
N ALA A 124 19.77 24.21 10.00
CA ALA A 124 19.93 22.84 9.53
C ALA A 124 21.19 22.60 8.71
N SER A 125 22.30 23.26 9.08
CA SER A 125 23.60 23.09 8.43
C SER A 125 24.13 21.62 8.48
N GLU A 126 23.69 20.84 9.49
CA GLU A 126 24.11 19.45 9.66
C GLU A 126 23.17 18.42 9.00
N VAL A 127 22.09 18.86 8.33
CA VAL A 127 21.17 17.96 7.64
C VAL A 127 21.60 17.97 6.18
N PRO A 128 21.93 16.80 5.56
CA PRO A 128 22.35 16.80 4.16
C PRO A 128 21.25 17.27 3.19
N ALA A 129 21.69 17.89 2.09
CA ALA A 129 20.81 18.35 1.03
C ALA A 129 20.05 17.16 0.43
N LEU A 130 18.80 17.43 0.11
CA LEU A 130 17.86 16.52 -0.51
C LEU A 130 17.20 17.37 -1.58
N LEU A 131 17.89 17.55 -2.71
CA LEU A 131 17.43 18.37 -3.82
C LEU A 131 16.34 17.71 -4.61
N ALA A 132 15.37 18.50 -5.06
CA ALA A 132 14.35 18.02 -5.96
C ALA A 132 15.03 17.79 -7.36
N ARG A 133 14.39 17.04 -8.24
CA ARG A 133 14.89 16.83 -9.59
C ARG A 133 14.79 18.16 -10.43
N GLY A 134 15.85 18.46 -11.16
CA GLY A 134 15.87 19.60 -12.05
C GLY A 134 16.15 20.94 -11.43
N VAL A 135 16.11 21.98 -12.28
CA VAL A 135 16.38 23.37 -11.95
C VAL A 135 15.14 24.22 -12.25
N LEU A 136 14.81 25.13 -11.32
CA LEU A 136 13.67 26.02 -11.46
C LEU A 136 14.19 27.26 -12.14
N VAL A 137 13.68 27.57 -13.33
CA VAL A 137 14.14 28.70 -14.12
C VAL A 137 13.11 29.80 -14.11
N LEU A 138 13.52 31.01 -13.65
CA LEU A 138 12.64 32.16 -13.54
C LEU A 138 13.15 33.34 -14.30
N THR A 139 12.28 33.96 -15.10
CA THR A 139 12.61 35.19 -15.80
C THR A 139 11.99 36.32 -15.04
N VAL A 140 12.83 37.19 -14.50
CA VAL A 140 12.44 38.35 -13.68
C VAL A 140 12.88 39.60 -14.42
N LEU A 141 11.95 40.54 -14.68
CA LEU A 141 12.22 41.75 -15.46
C LEU A 141 12.93 42.83 -14.64
N LEU A 142 14.05 42.44 -14.08
CA LEU A 142 14.94 43.23 -13.25
C LEU A 142 16.38 42.86 -13.64
N PRO A 143 17.33 43.82 -13.77
CA PRO A 143 18.71 43.46 -14.16
C PRO A 143 19.41 42.60 -13.11
N PRO A 144 20.35 41.70 -13.51
CA PRO A 144 20.97 40.80 -12.52
C PRO A 144 21.51 41.43 -11.24
N GLU A 145 22.14 42.60 -11.36
CA GLU A 145 22.72 43.38 -10.28
C GLU A 145 21.65 43.76 -9.22
N GLU A 146 20.49 44.31 -9.72
CA GLU A 146 19.34 44.72 -8.91
C GLU A 146 18.73 43.50 -8.19
N LEU A 147 18.49 42.42 -8.94
CA LEU A 147 17.93 41.17 -8.44
C LEU A 147 18.76 40.60 -7.31
N LEU A 148 20.11 40.59 -7.47
CA LEU A 148 20.97 40.02 -6.43
C LEU A 148 21.19 40.95 -5.24
N ARG A 149 20.86 42.24 -5.40
CA ARG A 149 20.94 43.22 -4.32
C ARG A 149 19.86 42.94 -3.26
N SER A 150 18.82 42.20 -3.61
CA SER A 150 17.78 41.77 -2.68
C SER A 150 17.53 40.23 -2.82
N SER A 151 18.61 39.47 -3.06
CA SER A 151 18.53 38.03 -3.30
C SER A 151 18.03 37.23 -2.10
N ALA A 152 18.43 37.58 -0.84
CA ALA A 152 17.95 36.88 0.34
C ALA A 152 16.42 37.03 0.46
N ASP A 153 15.90 38.28 0.27
CA ASP A 153 14.47 38.60 0.27
C ASP A 153 13.74 37.79 -0.81
N PHE A 154 14.33 37.73 -2.01
CA PHE A 154 13.79 37.00 -3.15
C PHE A 154 13.64 35.49 -2.84
N LEU A 155 14.72 34.89 -2.31
CA LEU A 155 14.73 33.45 -2.01
C LEU A 155 13.83 33.14 -0.84
N GLN A 156 13.85 34.01 0.18
CA GLN A 156 13.04 33.82 1.38
C GLN A 156 11.54 33.81 1.04
N ARG A 157 11.11 34.76 0.20
CA ARG A 157 9.73 34.87 -0.24
C ARG A 157 9.34 33.69 -1.12
N LEU A 158 10.20 33.25 -2.04
CA LEU A 158 9.90 32.07 -2.87
C LEU A 158 9.88 30.79 -2.01
N SER A 159 10.76 30.72 -1.00
CA SER A 159 10.82 29.56 -0.09
C SER A 159 9.52 29.49 0.71
N ALA A 160 9.03 30.66 1.17
CA ALA A 160 7.82 30.77 1.96
C ALA A 160 6.60 30.34 1.16
N ILE A 161 6.55 30.70 -0.15
CA ILE A 161 5.45 30.37 -1.10
C ILE A 161 5.40 28.89 -1.41
N LEU A 162 6.58 28.30 -1.73
CA LEU A 162 6.68 26.88 -2.11
C LEU A 162 6.69 25.95 -0.92
N ARG A 163 6.84 26.53 0.30
CA ARG A 163 6.87 25.83 1.58
C ARG A 163 8.04 24.86 1.64
N THR A 164 9.15 25.25 1.02
CA THR A 164 10.40 24.47 0.95
C THR A 164 11.59 25.41 0.83
N SER A 165 12.82 24.89 0.82
CA SER A 165 14.00 25.75 0.75
C SER A 165 14.48 25.98 -0.67
N LEU A 166 14.58 27.25 -1.07
CA LEU A 166 15.10 27.61 -2.39
C LEU A 166 16.43 28.31 -2.28
N ARG A 167 17.34 28.04 -3.20
CA ARG A 167 18.68 28.61 -3.27
C ARG A 167 19.08 28.79 -4.73
N PHE A 168 20.05 29.67 -5.01
CA PHE A 168 20.54 29.85 -6.39
C PHE A 168 21.39 28.68 -6.74
N ARG A 169 21.21 28.13 -7.94
CA ARG A 169 22.10 27.07 -8.43
C ARG A 169 23.48 27.74 -8.62
N LEU A 170 24.57 27.08 -8.20
CA LEU A 170 25.89 27.68 -8.35
C LEU A 170 26.61 27.05 -9.54
N ASP A 171 27.47 27.82 -10.24
CA ASP A 171 28.24 27.30 -11.38
C ASP A 171 29.60 26.81 -10.89
N ALA A 172 30.46 26.29 -11.81
CA ALA A 172 31.80 25.76 -11.51
C ALA A 172 32.70 26.69 -10.68
N HIS A 173 32.52 28.00 -10.84
CA HIS A 173 33.27 29.05 -10.15
C HIS A 173 32.58 29.51 -8.85
N GLY A 174 31.56 28.75 -8.42
CA GLY A 174 30.79 29.01 -7.20
C GLY A 174 29.94 30.26 -7.24
N GLN A 175 29.58 30.72 -8.44
CA GLN A 175 28.75 31.91 -8.61
C GLN A 175 27.28 31.54 -8.86
N ALA A 176 26.37 32.37 -8.37
CA ALA A 176 24.93 32.22 -8.56
C ALA A 176 24.59 32.26 -10.05
N MET A 177 23.76 31.32 -10.52
CA MET A 177 23.41 31.25 -11.93
C MET A 177 22.25 32.20 -12.28
N VAL A 178 22.58 33.50 -12.29
CA VAL A 178 21.73 34.63 -12.65
C VAL A 178 22.36 35.28 -13.90
N PHE A 179 21.65 35.20 -15.02
CA PHE A 179 22.13 35.70 -16.29
C PHE A 179 21.27 36.85 -16.84
N PRO A 180 21.85 37.81 -17.61
CA PRO A 180 21.02 38.87 -18.19
C PRO A 180 20.05 38.31 -19.23
N TYR A 181 18.84 38.85 -19.22
CA TYR A 181 17.77 38.48 -20.13
C TYR A 181 17.59 39.56 -21.21
N HIS A 182 17.58 39.11 -22.48
CA HIS A 182 17.49 39.94 -23.68
C HIS A 182 16.12 39.88 -24.35
N ILE A 201 17.43 44.43 -19.44
CA ILE A 201 16.01 44.11 -19.63
C ILE A 201 15.49 43.31 -18.41
N GLY A 202 16.14 42.15 -18.14
CA GLY A 202 15.78 41.29 -17.02
C GLY A 202 16.86 40.31 -16.62
N SER A 203 16.41 39.19 -16.03
CA SER A 203 17.27 38.11 -15.56
C SER A 203 16.70 36.73 -15.83
N VAL A 204 17.57 35.75 -16.00
CA VAL A 204 17.23 34.33 -16.12
C VAL A 204 17.89 33.73 -14.86
N VAL A 205 17.06 33.43 -13.86
CA VAL A 205 17.47 32.97 -12.54
C VAL A 205 17.30 31.45 -12.45
N MET A 206 18.37 30.74 -12.03
CA MET A 206 18.34 29.29 -11.94
C MET A 206 18.36 28.90 -10.48
N LEU A 207 17.30 28.23 -10.02
CA LEU A 207 17.17 27.85 -8.62
C LEU A 207 17.09 26.34 -8.38
N GLU A 208 17.61 25.92 -7.23
CA GLU A 208 17.48 24.56 -6.79
C GLU A 208 16.50 24.52 -5.61
N ILE A 209 15.78 23.42 -5.46
CA ILE A 209 14.84 23.20 -4.36
C ILE A 209 15.47 22.15 -3.41
N ASP A 210 15.78 22.56 -2.19
CA ASP A 210 16.32 21.65 -1.20
C ASP A 210 15.21 21.28 -0.23
N ASN A 211 14.76 20.04 -0.33
CA ASN A 211 13.69 19.46 0.50
C ASN A 211 14.23 18.78 1.79
N ARG A 212 15.44 19.15 2.27
CA ARG A 212 16.01 18.53 3.48
C ARG A 212 15.14 18.71 4.75
N LEU A 213 14.30 19.74 4.80
CA LEU A 213 13.44 19.94 5.95
C LEU A 213 11.98 19.68 5.63
N CYS A 214 11.65 19.63 4.32
CA CYS A 214 10.28 19.33 3.87
C CYS A 214 9.94 17.92 4.31
N LEU A 215 10.91 17.00 4.13
CA LEU A 215 10.84 15.58 4.40
C LEU A 215 11.16 15.26 5.84
N GLN A 216 11.35 16.33 6.62
CA GLN A 216 11.58 16.23 8.05
C GLN A 216 10.21 16.33 8.76
N SER A 217 9.19 15.75 8.08
CA SER A 217 7.79 15.62 8.49
C SER A 217 7.16 17.00 8.81
N PRO A 218 5.94 17.10 9.39
CA PRO A 218 5.02 16.03 9.81
C PRO A 218 4.38 15.37 8.59
N GLU A 219 3.61 16.14 7.80
CA GLU A 219 3.08 15.65 6.54
C GLU A 219 4.18 16.02 5.54
N ASN A 220 5.03 15.02 5.29
CA ASN A 220 6.17 15.12 4.41
C ASN A 220 5.87 14.73 2.94
N ASP A 221 4.57 14.60 2.54
CA ASP A 221 4.17 14.19 1.18
C ASP A 221 3.79 15.35 0.25
N HIS A 222 3.66 16.55 0.86
CA HIS A 222 3.32 17.86 0.31
C HIS A 222 4.61 18.67 -0.10
N CYS A 223 5.56 17.88 -0.66
CA CYS A 223 6.90 18.28 -1.10
C CYS A 223 7.01 18.16 -2.60
N PHE A 224 7.55 19.18 -3.26
CA PHE A 224 7.72 19.13 -4.70
C PHE A 224 8.85 18.17 -5.11
N PRO A 225 8.55 17.10 -5.87
CA PRO A 225 9.62 16.17 -6.26
C PRO A 225 10.60 16.70 -7.34
N ASP A 226 10.15 17.69 -8.12
CA ASP A 226 10.90 18.28 -9.21
C ASP A 226 10.56 19.74 -9.40
N ALA A 227 11.44 20.47 -10.12
CA ALA A 227 11.28 21.88 -10.49
C ALA A 227 10.01 22.20 -11.32
N GLN A 228 9.54 21.29 -12.23
CA GLN A 228 8.33 21.57 -13.01
C GLN A 228 7.09 21.61 -12.15
N SER A 229 7.03 20.76 -11.12
CA SER A 229 5.92 20.68 -10.16
C SER A 229 5.74 22.00 -9.45
N ALA A 230 6.90 22.58 -9.01
CA ALA A 230 6.96 23.88 -8.34
C ALA A 230 6.57 25.00 -9.31
N ALA A 231 7.01 24.92 -10.59
CA ALA A 231 6.72 25.90 -11.62
C ALA A 231 5.22 25.90 -11.91
N ASP A 232 4.57 24.71 -12.03
CA ASP A 232 3.12 24.57 -12.23
C ASP A 232 2.35 25.18 -11.08
N TYR A 233 2.77 24.90 -9.82
CA TYR A 233 2.14 25.46 -8.64
C TYR A 233 2.20 27.00 -8.66
N LEU A 234 3.37 27.60 -9.02
CA LEU A 234 3.53 29.04 -9.11
C LEU A 234 2.66 29.61 -10.21
N GLY A 235 2.47 28.84 -11.30
CA GLY A 235 1.64 29.26 -12.41
C GLY A 235 0.19 29.31 -12.03
N ALA A 236 -0.24 28.33 -11.21
CA ALA A 236 -1.59 28.21 -10.68
C ALA A 236 -1.92 29.37 -9.75
N LEU A 237 -0.92 29.88 -8.98
CA LEU A 237 -1.09 31.02 -8.07
C LEU A 237 -1.23 32.33 -8.87
N SER A 238 -0.43 32.46 -9.92
CA SER A 238 -0.46 33.64 -10.78
C SER A 238 -1.79 33.67 -11.56
N ALA A 239 -2.32 32.50 -11.96
CA ALA A 239 -3.56 32.32 -12.70
C ALA A 239 -4.77 32.75 -11.85
N VAL A 240 -4.75 32.41 -10.55
CA VAL A 240 -5.86 32.77 -9.66
C VAL A 240 -5.59 34.10 -8.93
N GLU A 241 -4.54 34.85 -9.33
CA GLU A 241 -4.15 36.14 -8.77
C GLU A 241 -3.86 36.06 -7.26
N ARG A 242 -3.31 34.95 -6.78
CA ARG A 242 -2.98 34.77 -5.35
C ARG A 242 -1.47 34.68 -5.11
N LEU A 243 -0.65 35.07 -6.10
CA LEU A 243 0.79 35.09 -5.97
C LEU A 243 1.20 36.49 -5.49
N ASP A 244 1.78 36.54 -4.23
CA ASP A 244 2.20 37.78 -3.53
C ASP A 244 3.70 37.81 -3.50
N PHE A 245 4.28 38.10 -4.65
CA PHE A 245 5.71 38.14 -4.84
C PHE A 245 6.10 39.50 -5.39
N PRO A 246 6.80 40.34 -4.58
CA PRO A 246 7.11 41.72 -5.01
C PRO A 246 8.26 41.85 -6.01
N TYR A 247 8.19 41.05 -7.10
CA TYR A 247 9.19 41.05 -8.15
C TYR A 247 8.51 40.92 -9.49
N PRO A 248 9.03 41.57 -10.57
CA PRO A 248 8.40 41.42 -11.90
C PRO A 248 8.71 40.05 -12.57
N LEU A 249 8.14 38.96 -12.00
CA LEU A 249 8.29 37.60 -12.46
C LEU A 249 7.43 37.35 -13.71
N ARG A 250 8.09 37.14 -14.87
CA ARG A 250 7.47 36.93 -16.19
C ARG A 250 7.04 35.49 -16.40
N ASP A 251 7.99 34.54 -16.23
CA ASP A 251 7.73 33.13 -16.46
C ASP A 251 8.50 32.20 -15.56
N VAL A 252 8.05 30.94 -15.48
CA VAL A 252 8.68 29.86 -14.72
C VAL A 252 8.62 28.56 -15.50
N ARG A 253 9.66 27.71 -15.34
CA ARG A 253 9.74 26.39 -15.96
C ARG A 253 10.72 25.51 -15.20
N GLY A 254 10.56 24.21 -15.34
CA GLY A 254 11.48 23.22 -14.81
C GLY A 254 12.36 22.74 -15.95
N GLU A 255 13.67 22.62 -15.70
CA GLU A 255 14.68 22.14 -16.66
C GLU A 255 15.64 21.12 -16.02
N PRO A 256 15.97 20.00 -16.70
CA PRO A 256 16.94 19.04 -16.12
C PRO A 256 18.39 19.56 -16.04
N GLN B 1 8.50 6.99 20.62
CA GLN B 1 8.24 6.42 19.30
C GLN B 1 6.75 6.40 18.92
N VAL B 2 6.43 6.83 17.68
CA VAL B 2 5.04 6.88 17.17
C VAL B 2 4.48 5.48 16.86
N GLN B 3 3.25 5.19 17.35
CA GLN B 3 2.60 3.89 17.18
C GLN B 3 1.12 4.07 16.92
N LEU B 4 0.55 3.24 16.04
CA LEU B 4 -0.89 3.24 15.74
C LEU B 4 -1.47 1.88 16.17
N VAL B 5 -2.39 1.89 17.15
CA VAL B 5 -2.99 0.70 17.75
C VAL B 5 -4.46 0.65 17.40
N GLN B 6 -4.85 -0.42 16.73
CA GLN B 6 -6.23 -0.61 16.27
C GLN B 6 -7.08 -1.46 17.21
N SER B 7 -8.40 -1.36 17.05
CA SER B 7 -9.35 -2.15 17.82
C SER B 7 -9.30 -3.64 17.37
N GLY B 8 -9.89 -4.53 18.18
CA GLY B 8 -9.88 -5.97 17.92
C GLY B 8 -10.77 -6.43 16.79
N ALA B 9 -10.49 -7.65 16.28
CA ALA B 9 -11.21 -8.29 15.17
C ALA B 9 -12.73 -8.34 15.37
N GLU B 10 -13.46 -8.19 14.26
CA GLU B 10 -14.92 -8.09 14.19
C GLU B 10 -15.55 -9.20 13.36
N VAL B 11 -16.75 -9.62 13.77
CA VAL B 11 -17.57 -10.63 13.09
C VAL B 11 -18.92 -9.95 12.94
N LYS B 12 -19.35 -9.80 11.68
CA LYS B 12 -20.59 -9.11 11.33
C LYS B 12 -21.43 -9.88 10.35
N LYS B 13 -22.76 -9.68 10.42
CA LYS B 13 -23.69 -10.34 9.52
C LYS B 13 -23.94 -9.39 8.35
N PRO B 14 -24.29 -9.88 7.13
CA PRO B 14 -24.59 -8.96 6.02
C PRO B 14 -25.67 -7.92 6.36
N GLY B 15 -25.44 -6.67 5.94
CA GLY B 15 -26.34 -5.54 6.16
C GLY B 15 -26.00 -4.73 7.39
N SER B 16 -25.24 -5.31 8.32
CA SER B 16 -24.82 -4.64 9.53
C SER B 16 -23.77 -3.55 9.22
N SER B 17 -23.24 -2.89 10.26
CA SER B 17 -22.22 -1.85 10.18
C SER B 17 -21.07 -2.21 11.11
N VAL B 18 -19.85 -1.75 10.77
CA VAL B 18 -18.65 -1.94 11.59
C VAL B 18 -18.03 -0.60 11.84
N LYS B 19 -17.43 -0.40 13.04
CA LYS B 19 -16.69 0.83 13.33
C LYS B 19 -15.41 0.43 13.97
N VAL B 20 -14.32 0.67 13.23
CA VAL B 20 -12.96 0.33 13.62
C VAL B 20 -12.28 1.58 14.08
N SER B 21 -11.51 1.46 15.17
CA SER B 21 -10.79 2.58 15.72
C SER B 21 -9.29 2.43 15.58
N CYS B 22 -8.58 3.56 15.58
CA CYS B 22 -7.15 3.57 15.50
C CYS B 22 -6.59 4.68 16.40
N LYS B 23 -5.87 4.30 17.47
CA LYS B 23 -5.30 5.24 18.43
C LYS B 23 -3.83 5.52 18.11
N ALA B 24 -3.50 6.81 17.98
CA ALA B 24 -2.13 7.26 17.75
C ALA B 24 -1.52 7.61 19.11
N SER B 25 -0.26 7.17 19.32
CA SER B 25 0.52 7.44 20.52
C SER B 25 1.94 7.81 20.14
N GLY B 26 2.56 8.66 20.97
CA GLY B 26 3.92 9.16 20.73
C GLY B 26 3.83 10.53 20.11
N GLY B 27 3.30 10.58 18.89
CA GLY B 27 3.10 11.82 18.15
C GLY B 27 1.77 12.45 18.45
N THR B 28 1.71 13.78 18.37
CA THR B 28 0.47 14.50 18.61
C THR B 28 -0.10 14.79 17.25
N PHE B 29 -1.01 13.89 16.87
CA PHE B 29 -1.71 13.67 15.60
C PHE B 29 -2.41 14.94 15.05
N SER B 30 -2.08 16.09 15.63
CA SER B 30 -2.49 17.42 15.19
C SER B 30 -1.87 17.78 13.83
N SER B 31 -0.62 17.41 13.58
CA SER B 31 0.08 17.79 12.35
C SER B 31 0.10 16.72 11.24
N TYR B 32 -0.76 15.64 11.36
CA TYR B 32 -0.82 14.47 10.48
C TYR B 32 -2.23 14.08 9.90
N THR B 33 -2.22 13.12 8.96
CA THR B 33 -3.39 12.52 8.33
C THR B 33 -3.40 11.03 8.67
N ILE B 34 -4.60 10.50 8.86
CA ILE B 34 -4.82 9.10 9.15
C ILE B 34 -5.59 8.54 7.95
N SER B 35 -5.08 7.44 7.35
CA SER B 35 -5.64 6.77 6.17
C SER B 35 -6.16 5.36 6.48
N TRP B 36 -7.14 4.89 5.72
CA TRP B 36 -7.71 3.57 5.91
C TRP B 36 -7.47 2.80 4.60
N VAL B 37 -6.85 1.62 4.71
CA VAL B 37 -6.50 0.73 3.59
C VAL B 37 -7.00 -0.70 3.94
N ARG B 38 -7.67 -1.40 3.04
CA ARG B 38 -8.11 -2.76 3.37
C ARG B 38 -7.45 -3.81 2.52
N GLN B 39 -7.45 -5.04 3.00
CA GLN B 39 -6.86 -6.18 2.32
C GLN B 39 -7.71 -7.41 2.52
N ALA B 40 -8.42 -7.82 1.46
CA ALA B 40 -9.25 -9.04 1.47
C ALA B 40 -8.29 -10.26 1.52
N PRO B 41 -8.71 -11.41 2.13
CA PRO B 41 -7.82 -12.58 2.29
C PRO B 41 -6.57 -12.73 1.39
N GLY B 42 -6.66 -13.40 0.26
CA GLY B 42 -5.48 -13.62 -0.56
C GLY B 42 -5.14 -12.47 -1.48
N GLN B 43 -5.88 -11.37 -1.35
CA GLN B 43 -5.79 -10.21 -2.20
C GLN B 43 -4.72 -9.15 -1.84
N GLY B 44 -4.71 -8.10 -2.66
CA GLY B 44 -3.83 -6.97 -2.49
C GLY B 44 -4.44 -5.88 -1.64
N LEU B 45 -3.91 -4.66 -1.78
CA LEU B 45 -4.27 -3.51 -0.99
C LEU B 45 -5.21 -2.54 -1.71
N GLU B 46 -6.14 -1.94 -0.97
CA GLU B 46 -7.14 -1.01 -1.49
C GLU B 46 -7.31 0.19 -0.55
N TRP B 47 -7.03 1.39 -1.05
CA TRP B 47 -7.15 2.61 -0.27
C TRP B 47 -8.61 3.01 -0.19
N MET B 48 -9.11 3.31 1.02
CA MET B 48 -10.51 3.69 1.22
C MET B 48 -10.72 5.20 1.34
N GLY B 49 -9.73 5.87 1.92
CA GLY B 49 -9.76 7.31 2.12
C GLY B 49 -8.84 7.76 3.25
N TRP B 50 -9.04 9.01 3.77
CA TRP B 50 -8.23 9.61 4.85
C TRP B 50 -8.95 10.66 5.64
N ILE B 51 -8.34 11.11 6.76
CA ILE B 51 -8.81 12.22 7.61
C ILE B 51 -7.63 13.03 8.17
N LYS B 52 -7.77 14.38 8.27
CA LYS B 52 -6.80 15.25 8.93
C LYS B 52 -7.52 15.70 10.22
N PRO B 53 -7.27 15.02 11.35
CA PRO B 53 -8.02 15.33 12.59
C PRO B 53 -8.00 16.76 13.05
N ARG B 54 -6.95 17.56 12.72
CA ARG B 54 -6.85 18.97 13.11
C ARG B 54 -8.01 19.79 12.57
N TRP B 55 -8.44 19.52 11.32
CA TRP B 55 -9.58 20.28 10.88
C TRP B 55 -10.73 19.44 10.42
N GLY B 56 -10.68 18.15 10.74
CA GLY B 56 -11.77 17.23 10.51
C GLY B 56 -12.15 16.93 9.08
N ALA B 57 -11.33 17.38 8.09
CA ALA B 57 -11.58 17.13 6.67
C ALA B 57 -11.25 15.69 6.27
N ALA B 58 -12.18 15.01 5.58
CA ALA B 58 -12.06 13.63 5.11
C ALA B 58 -12.21 13.56 3.60
N HIS B 59 -11.59 12.58 2.99
CA HIS B 59 -11.64 12.28 1.56
C HIS B 59 -11.78 10.79 1.43
N TYR B 60 -12.59 10.31 0.47
CA TYR B 60 -12.85 8.89 0.27
C TYR B 60 -12.65 8.45 -1.19
N ALA B 61 -12.41 7.14 -1.41
CA ALA B 61 -12.37 6.55 -2.76
C ALA B 61 -13.84 6.49 -3.19
N GLN B 62 -14.15 6.86 -4.44
CA GLN B 62 -15.54 6.89 -4.98
C GLN B 62 -16.34 5.64 -4.68
N LYS B 63 -15.71 4.45 -4.82
CA LYS B 63 -16.42 3.17 -4.61
C LYS B 63 -16.93 2.96 -3.14
N PHE B 64 -16.42 3.76 -2.21
CA PHE B 64 -16.82 3.72 -0.80
C PHE B 64 -17.70 4.92 -0.41
N GLN B 65 -18.15 5.71 -1.39
CA GLN B 65 -19.00 6.87 -1.16
C GLN B 65 -20.39 6.49 -0.64
N GLY B 66 -20.73 7.06 0.52
CA GLY B 66 -22.01 6.80 1.18
C GLY B 66 -22.00 5.66 2.19
N ARG B 67 -21.06 4.69 2.03
CA ARG B 67 -20.93 3.53 2.92
C ARG B 67 -19.85 3.73 3.97
N VAL B 68 -18.83 4.53 3.65
CA VAL B 68 -17.76 4.77 4.59
C VAL B 68 -17.92 6.12 5.31
N THR B 69 -17.62 6.16 6.60
CA THR B 69 -17.62 7.38 7.38
C THR B 69 -16.34 7.41 8.18
N ILE B 70 -15.49 8.40 7.90
CA ILE B 70 -14.23 8.54 8.60
C ILE B 70 -14.33 9.75 9.52
N THR B 71 -14.07 9.54 10.83
CA THR B 71 -14.11 10.57 11.88
C THR B 71 -12.88 10.47 12.75
N ALA B 72 -12.67 11.44 13.63
CA ALA B 72 -11.54 11.46 14.57
C ALA B 72 -11.91 12.23 15.82
N ASP B 73 -11.30 11.85 16.95
CA ASP B 73 -11.49 12.51 18.23
C ASP B 73 -10.12 12.99 18.65
N GLU B 74 -9.91 14.30 18.50
CA GLU B 74 -8.68 15.02 18.80
C GLU B 74 -8.14 14.75 20.21
N SER B 75 -9.04 14.79 21.21
CA SER B 75 -8.69 14.59 22.63
C SER B 75 -8.08 13.24 22.93
N THR B 76 -8.50 12.18 22.22
CA THR B 76 -8.00 10.83 22.42
C THR B 76 -6.96 10.39 21.36
N SER B 77 -6.67 11.27 20.38
CA SER B 77 -5.76 11.00 19.26
C SER B 77 -6.23 9.73 18.51
N THR B 78 -7.55 9.60 18.27
CA THR B 78 -8.15 8.41 17.68
C THR B 78 -8.93 8.73 16.40
N ALA B 79 -8.76 7.90 15.37
CA ALA B 79 -9.42 7.95 14.06
C ALA B 79 -10.36 6.76 13.97
N TYR B 80 -11.48 6.91 13.26
CA TYR B 80 -12.47 5.87 13.13
C TYR B 80 -12.88 5.68 11.71
N MET B 81 -13.18 4.42 11.37
CA MET B 81 -13.68 4.07 10.06
C MET B 81 -14.94 3.28 10.32
N GLU B 82 -16.06 3.79 9.80
CA GLU B 82 -17.35 3.14 9.91
C GLU B 82 -17.76 2.74 8.52
N LEU B 83 -18.07 1.47 8.32
CA LEU B 83 -18.50 0.94 7.03
C LEU B 83 -19.88 0.32 7.23
N SER B 84 -20.86 0.81 6.48
CA SER B 84 -22.26 0.40 6.61
C SER B 84 -22.71 -0.53 5.48
N SER B 85 -23.93 -1.13 5.61
CA SER B 85 -24.52 -2.06 4.63
C SER B 85 -23.46 -3.13 4.21
N LEU B 86 -22.88 -3.80 5.22
CA LEU B 86 -21.82 -4.78 5.04
C LEU B 86 -22.22 -5.97 4.18
N ARG B 87 -21.32 -6.36 3.24
CA ARG B 87 -21.46 -7.48 2.29
C ARG B 87 -20.35 -8.51 2.57
N SER B 88 -20.48 -9.77 2.07
CA SER B 88 -19.43 -10.79 2.26
C SER B 88 -18.07 -10.35 1.67
N GLU B 89 -18.10 -9.54 0.59
CA GLU B 89 -16.92 -8.98 -0.07
C GLU B 89 -16.19 -7.99 0.81
N ASP B 90 -16.81 -7.55 1.92
CA ASP B 90 -16.17 -6.61 2.84
C ASP B 90 -15.26 -7.32 3.85
N THR B 91 -15.29 -8.68 3.88
CA THR B 91 -14.43 -9.48 4.78
C THR B 91 -12.98 -9.15 4.41
N ALA B 92 -12.25 -8.53 5.34
CA ALA B 92 -10.88 -8.10 5.09
C ALA B 92 -10.21 -7.69 6.39
N VAL B 93 -8.89 -7.45 6.31
CA VAL B 93 -8.10 -6.85 7.36
C VAL B 93 -8.08 -5.36 6.98
N TYR B 94 -8.49 -4.50 7.89
CA TYR B 94 -8.57 -3.06 7.68
C TYR B 94 -7.43 -2.42 8.40
N TYR B 95 -6.58 -1.73 7.64
CA TYR B 95 -5.42 -1.05 8.19
C TYR B 95 -5.61 0.43 8.30
N CYS B 96 -5.08 0.96 9.39
CA CYS B 96 -4.98 2.35 9.71
C CYS B 96 -3.53 2.69 9.39
N ALA B 97 -3.31 3.78 8.66
CA ALA B 97 -1.95 4.17 8.27
C ALA B 97 -1.82 5.68 8.42
N ARG B 98 -0.60 6.17 8.61
CA ARG B 98 -0.39 7.61 8.72
C ARG B 98 0.40 8.13 7.51
N GLY B 99 -0.09 9.24 7.01
CA GLY B 99 0.40 9.88 5.80
C GLY B 99 -0.74 9.80 4.84
N SER B 100 -0.81 10.78 3.94
CA SER B 100 -1.89 10.88 2.95
C SER B 100 -1.51 10.21 1.64
N PHE B 101 -0.37 10.66 1.05
CA PHE B 101 0.17 10.13 -0.22
C PHE B 101 1.07 8.87 -0.04
N TRP B 102 1.84 8.76 1.05
CA TRP B 102 2.65 7.58 1.34
C TRP B 102 2.72 7.33 2.83
N PHE B 103 2.70 6.07 3.20
CA PHE B 103 2.56 5.72 4.59
C PHE B 103 3.73 4.99 5.17
N GLY B 104 4.41 5.66 6.09
CA GLY B 104 5.52 5.07 6.81
C GLY B 104 5.06 4.29 8.03
N TYR B 105 4.02 4.84 8.69
CA TYR B 105 3.48 4.27 9.93
C TYR B 105 2.15 3.58 9.71
N TRP B 106 2.04 2.34 10.19
CA TRP B 106 0.83 1.53 10.05
C TRP B 106 0.29 1.00 11.39
N GLY B 107 -1.01 0.70 11.42
CA GLY B 107 -1.67 0.03 12.52
C GLY B 107 -1.45 -1.46 12.32
N GLN B 108 -1.94 -2.28 13.23
CA GLN B 108 -1.74 -3.72 13.07
C GLN B 108 -2.76 -4.38 12.14
N GLY B 109 -3.87 -3.70 11.91
CA GLY B 109 -4.94 -4.20 11.05
C GLY B 109 -6.03 -4.86 11.85
N THR B 110 -7.27 -4.55 11.49
CA THR B 110 -8.43 -5.11 12.18
C THR B 110 -9.13 -6.06 11.25
N LEU B 111 -9.28 -7.34 11.65
CA LEU B 111 -9.97 -8.30 10.80
C LEU B 111 -11.50 -8.19 10.93
N VAL B 112 -12.19 -7.78 9.85
CA VAL B 112 -13.66 -7.80 9.84
C VAL B 112 -14.12 -8.97 8.95
N THR B 113 -15.15 -9.71 9.39
CA THR B 113 -15.67 -10.87 8.69
C THR B 113 -17.15 -10.70 8.56
N VAL B 114 -17.63 -10.59 7.32
CA VAL B 114 -19.06 -10.51 7.08
C VAL B 114 -19.54 -11.93 6.69
N SER B 115 -20.43 -12.52 7.50
CA SER B 115 -21.01 -13.82 7.23
C SER B 115 -22.31 -13.93 7.96
N SER B 116 -23.35 -14.40 7.22
CA SER B 116 -24.72 -14.61 7.67
C SER B 116 -24.89 -15.89 8.47
N ALA B 117 -23.76 -16.59 8.73
CA ALA B 117 -23.71 -17.84 9.47
C ALA B 117 -23.33 -17.64 10.92
N SER B 118 -24.09 -18.33 11.81
CA SER B 118 -23.91 -18.31 13.27
C SER B 118 -22.63 -19.00 13.74
N THR B 119 -22.22 -18.73 14.98
CA THR B 119 -20.99 -19.22 15.61
C THR B 119 -21.11 -20.73 15.98
N LYS B 120 -21.31 -21.55 14.94
CA LYS B 120 -21.42 -23.01 15.02
C LYS B 120 -20.06 -23.62 15.32
N GLY B 121 -20.09 -24.84 15.86
CA GLY B 121 -18.90 -25.57 16.27
C GLY B 121 -18.39 -26.60 15.27
N PRO B 122 -17.07 -26.89 15.31
CA PRO B 122 -16.50 -27.87 14.39
C PRO B 122 -16.87 -29.30 14.72
N SER B 123 -16.51 -30.20 13.80
CA SER B 123 -16.67 -31.64 13.93
C SER B 123 -15.44 -32.31 13.35
N VAL B 124 -14.78 -33.14 14.14
CA VAL B 124 -13.54 -33.78 13.74
C VAL B 124 -13.74 -35.15 13.19
N PHE B 125 -13.24 -35.39 11.97
CA PHE B 125 -13.29 -36.70 11.32
C PHE B 125 -11.89 -37.19 11.06
N PRO B 126 -11.57 -38.43 11.48
CA PRO B 126 -10.19 -38.92 11.34
C PRO B 126 -9.90 -39.49 9.95
N LEU B 127 -8.65 -39.35 9.51
CA LEU B 127 -8.15 -39.87 8.24
C LEU B 127 -7.08 -40.91 8.56
N ALA B 128 -7.31 -42.19 8.19
CA ALA B 128 -6.44 -43.32 8.53
C ALA B 128 -5.40 -43.71 7.46
N PRO B 129 -4.21 -44.26 7.84
CA PRO B 129 -3.22 -44.64 6.81
C PRO B 129 -3.59 -45.92 6.09
N ALA B 140 0.30 -42.28 5.48
CA ALA B 140 0.15 -40.95 6.10
C ALA B 140 -1.20 -40.81 6.79
N LEU B 141 -1.22 -40.22 7.98
CA LEU B 141 -2.46 -40.08 8.72
C LEU B 141 -2.88 -38.63 8.86
N GLY B 142 -4.16 -38.38 8.67
CA GLY B 142 -4.70 -37.05 8.80
C GLY B 142 -5.75 -36.91 9.87
N CYS B 143 -6.28 -35.69 9.97
CA CYS B 143 -7.38 -35.26 10.84
C CYS B 143 -8.10 -34.17 10.11
N LEU B 144 -9.43 -34.23 10.13
CA LEU B 144 -10.27 -33.23 9.46
C LEU B 144 -11.14 -32.46 10.46
N VAL B 145 -11.20 -31.12 10.30
CA VAL B 145 -11.99 -30.19 11.10
C VAL B 145 -13.01 -29.60 10.13
N LYS B 146 -14.28 -30.01 10.26
CA LYS B 146 -15.33 -29.65 9.33
C LYS B 146 -16.48 -28.88 9.95
N ASP B 147 -16.97 -27.91 9.15
CA ASP B 147 -18.10 -27.00 9.37
C ASP B 147 -18.09 -26.22 10.70
N TYR B 148 -17.15 -25.25 10.85
CA TYR B 148 -17.09 -24.37 12.01
C TYR B 148 -17.08 -22.90 11.60
N PHE B 149 -17.50 -22.04 12.53
CA PHE B 149 -17.49 -20.60 12.33
C PHE B 149 -17.43 -19.90 13.68
N PRO B 150 -16.64 -18.82 13.82
CA PRO B 150 -15.71 -18.22 12.87
C PRO B 150 -14.33 -18.83 13.07
N GLU B 151 -13.26 -18.06 12.76
CA GLU B 151 -11.87 -18.48 12.91
C GLU B 151 -11.29 -17.95 14.25
N PRO B 152 -10.30 -18.60 14.90
CA PRO B 152 -9.47 -19.72 14.45
C PRO B 152 -9.66 -21.09 15.14
N VAL B 153 -8.87 -22.10 14.69
CA VAL B 153 -8.80 -23.44 15.26
C VAL B 153 -7.36 -23.87 15.54
N THR B 154 -7.09 -24.25 16.78
CA THR B 154 -5.80 -24.76 17.21
C THR B 154 -5.78 -26.20 16.72
N VAL B 155 -4.60 -26.74 16.43
CA VAL B 155 -4.47 -28.13 15.99
C VAL B 155 -3.01 -28.58 16.19
N SER B 156 -2.80 -29.35 17.26
CA SER B 156 -1.49 -29.90 17.62
C SER B 156 -1.71 -31.37 17.86
N TRP B 157 -0.72 -32.19 17.50
CA TRP B 157 -0.76 -33.65 17.64
C TRP B 157 -0.05 -34.10 18.93
N ASN B 158 -0.62 -35.13 19.63
CA ASN B 158 -0.17 -35.71 20.92
C ASN B 158 0.04 -34.59 21.99
N SER B 159 -0.92 -33.63 21.99
CA SER B 159 -1.06 -32.37 22.74
C SER B 159 0.10 -31.37 22.47
N GLY B 160 0.84 -31.64 21.40
CA GLY B 160 1.96 -30.81 20.95
C GLY B 160 3.19 -31.57 20.56
N ALA B 161 3.40 -32.75 21.16
CA ALA B 161 4.57 -33.61 20.95
C ALA B 161 4.95 -33.80 19.49
N LEU B 162 3.99 -34.21 18.65
CA LEU B 162 4.30 -34.51 17.27
C LEU B 162 4.23 -33.31 16.35
N THR B 163 5.37 -32.61 16.25
CA THR B 163 5.58 -31.45 15.37
C THR B 163 6.15 -31.89 13.99
N SER B 164 6.92 -33.00 14.02
CA SER B 164 7.65 -33.62 12.90
C SER B 164 6.83 -34.07 11.68
N GLY B 165 6.96 -33.32 10.60
CA GLY B 165 6.29 -33.55 9.31
C GLY B 165 4.80 -33.21 9.20
N VAL B 166 4.31 -32.27 10.06
CA VAL B 166 2.92 -31.82 10.20
C VAL B 166 2.59 -30.61 9.33
N HIS B 167 1.56 -30.78 8.50
CA HIS B 167 1.11 -29.76 7.58
C HIS B 167 -0.31 -29.30 7.90
N THR B 168 -0.44 -28.15 8.54
CA THR B 168 -1.76 -27.65 8.85
C THR B 168 -2.19 -26.66 7.75
N PHE B 169 -3.22 -27.09 7.04
CA PHE B 169 -3.81 -26.38 5.93
C PHE B 169 -4.66 -25.20 6.34
N PRO B 170 -4.55 -24.06 5.64
CA PRO B 170 -5.44 -22.92 5.95
C PRO B 170 -6.93 -23.24 5.69
N ALA B 171 -7.82 -22.71 6.52
CA ALA B 171 -9.26 -22.95 6.51
C ALA B 171 -10.00 -22.31 5.34
N VAL B 172 -10.37 -23.12 4.34
CA VAL B 172 -11.13 -22.64 3.18
C VAL B 172 -12.60 -22.57 3.46
N LEU B 173 -13.24 -21.50 2.99
CA LEU B 173 -14.67 -21.32 3.15
C LEU B 173 -15.42 -22.31 2.26
N GLN B 174 -16.48 -22.91 2.81
CA GLN B 174 -17.35 -23.86 2.11
C GLN B 174 -18.52 -23.12 1.46
N SER B 175 -19.32 -23.83 0.62
CA SER B 175 -20.54 -23.31 -0.03
C SER B 175 -21.68 -23.08 0.98
N SER B 176 -21.58 -23.72 2.15
CA SER B 176 -22.51 -23.59 3.27
C SER B 176 -22.30 -22.26 4.03
N GLY B 177 -21.08 -21.70 3.93
CA GLY B 177 -20.66 -20.49 4.62
C GLY B 177 -19.86 -20.78 5.88
N LEU B 178 -19.43 -22.07 6.07
CA LEU B 178 -18.64 -22.61 7.20
C LEU B 178 -17.19 -22.97 6.81
N TYR B 179 -16.21 -22.63 7.68
CA TYR B 179 -14.79 -22.92 7.44
C TYR B 179 -14.42 -24.41 7.66
N SER B 180 -13.42 -24.91 6.89
CA SER B 180 -12.89 -26.28 7.02
C SER B 180 -11.36 -26.35 6.91
N LEU B 181 -10.71 -26.64 8.06
CA LEU B 181 -9.26 -26.79 8.17
C LEU B 181 -8.94 -28.30 8.21
N SER B 182 -7.75 -28.66 7.74
CA SER B 182 -7.27 -30.02 7.80
C SER B 182 -5.81 -30.01 8.25
N SER B 183 -5.37 -31.15 8.76
CA SER B 183 -4.00 -31.34 9.23
C SER B 183 -3.57 -32.76 9.03
N VAL B 184 -2.32 -32.95 8.56
CA VAL B 184 -1.73 -34.24 8.23
C VAL B 184 -0.31 -34.35 8.71
N VAL B 185 0.10 -35.57 9.06
CA VAL B 185 1.45 -35.91 9.51
C VAL B 185 1.94 -37.07 8.66
N THR B 186 3.27 -37.15 8.47
CA THR B 186 3.94 -38.22 7.75
C THR B 186 4.76 -38.99 8.78
N VAL B 187 4.44 -40.29 8.96
CA VAL B 187 5.09 -41.16 9.95
C VAL B 187 5.55 -42.48 9.29
N PRO B 188 6.25 -43.42 10.03
CA PRO B 188 6.62 -44.69 9.40
C PRO B 188 5.56 -45.78 9.49
N SER B 189 5.54 -46.67 8.48
CA SER B 189 4.60 -47.78 8.37
C SER B 189 4.68 -48.83 9.51
N SER B 190 5.88 -49.02 10.10
CA SER B 190 6.08 -49.97 11.20
C SER B 190 5.45 -49.51 12.51
N SER B 191 5.63 -48.22 12.85
CA SER B 191 5.15 -47.55 14.07
C SER B 191 3.64 -47.57 14.30
N LEU B 192 2.82 -47.38 13.23
CA LEU B 192 1.35 -47.27 13.24
C LEU B 192 0.64 -48.14 14.28
N GLY B 193 0.97 -49.44 14.28
CA GLY B 193 0.38 -50.46 15.13
C GLY B 193 0.64 -50.28 16.61
N THR B 194 1.78 -49.67 16.95
CA THR B 194 2.18 -49.44 18.34
C THR B 194 1.82 -48.03 18.78
N GLN B 195 2.22 -47.04 17.95
CA GLN B 195 2.06 -45.61 18.15
C GLN B 195 0.61 -45.14 18.05
N THR B 196 0.05 -44.74 19.20
CA THR B 196 -1.31 -44.26 19.38
C THR B 196 -1.33 -42.74 19.16
N TYR B 197 -1.20 -42.38 17.88
CA TYR B 197 -1.18 -41.02 17.34
C TYR B 197 -2.53 -40.37 17.56
N ILE B 198 -2.52 -39.14 18.11
CA ILE B 198 -3.72 -38.36 18.41
C ILE B 198 -3.62 -36.98 17.77
N CYS B 199 -4.76 -36.43 17.34
CA CYS B 199 -4.89 -35.07 16.83
C CYS B 199 -5.79 -34.29 17.81
N ASN B 200 -5.38 -33.08 18.22
CA ASN B 200 -6.13 -32.30 19.20
C ASN B 200 -6.44 -30.97 18.59
N VAL B 201 -7.71 -30.55 18.64
CA VAL B 201 -8.16 -29.28 18.06
C VAL B 201 -8.98 -28.45 19.05
N ASN B 202 -8.54 -27.22 19.29
CA ASN B 202 -9.29 -26.32 20.14
C ASN B 202 -9.96 -25.24 19.26
N HIS B 203 -11.27 -25.05 19.44
CA HIS B 203 -12.01 -23.97 18.81
C HIS B 203 -12.48 -23.14 19.98
N LYS B 204 -11.94 -21.92 20.10
CA LYS B 204 -12.25 -21.06 21.23
C LYS B 204 -13.53 -20.22 21.08
N PRO B 205 -13.96 -19.66 19.91
CA PRO B 205 -15.25 -18.94 19.87
C PRO B 205 -16.49 -19.78 20.29
N SER B 206 -16.48 -21.12 20.02
CA SER B 206 -17.56 -22.04 20.44
C SER B 206 -17.15 -23.02 21.57
N ASN B 207 -15.95 -22.83 22.18
CA ASN B 207 -15.34 -23.62 23.26
C ASN B 207 -15.48 -25.17 23.07
N THR B 208 -14.95 -25.64 21.93
CA THR B 208 -14.87 -27.06 21.55
C THR B 208 -13.42 -27.45 21.76
N LYS B 209 -13.16 -28.45 22.59
CA LYS B 209 -11.78 -28.86 22.85
C LYS B 209 -11.56 -30.31 22.45
N VAL B 210 -12.14 -30.68 21.31
CA VAL B 210 -12.11 -32.04 20.76
C VAL B 210 -10.68 -32.58 20.54
N ASP B 211 -10.41 -33.76 21.12
CA ASP B 211 -9.18 -34.53 20.94
C ASP B 211 -9.59 -35.86 20.31
N LYS B 212 -8.98 -36.21 19.16
CA LYS B 212 -9.32 -37.43 18.44
C LYS B 212 -8.14 -38.37 18.17
N ARG B 213 -8.45 -39.68 18.01
CA ARG B 213 -7.48 -40.76 17.74
C ARG B 213 -7.73 -41.45 16.37
N VAL B 214 -6.64 -41.73 15.62
CA VAL B 214 -6.63 -42.32 14.28
C VAL B 214 -6.21 -43.77 14.33
N GLU B 215 -7.00 -44.65 13.72
CA GLU B 215 -6.71 -46.08 13.66
C GLU B 215 -6.97 -46.62 12.23
N PRO B 216 -6.01 -47.34 11.61
CA PRO B 216 -6.27 -47.91 10.28
C PRO B 216 -7.05 -49.22 10.41
N ILE C 2 -5.92 4.68 -12.13
CA ILE C 2 -4.58 4.30 -12.60
C ILE C 2 -4.34 2.85 -12.19
N GLN C 3 -4.10 1.97 -13.18
CA GLN C 3 -3.88 0.53 -12.97
C GLN C 3 -2.40 0.27 -12.79
N MET C 4 -2.03 -0.40 -11.72
CA MET C 4 -0.63 -0.70 -11.47
C MET C 4 -0.42 -2.19 -11.76
N THR C 5 0.53 -2.52 -12.63
CA THR C 5 0.79 -3.93 -12.99
C THR C 5 2.20 -4.29 -12.57
N GLN C 6 2.32 -5.29 -11.69
CA GLN C 6 3.62 -5.76 -11.25
C GLN C 6 4.05 -7.01 -12.01
N SER C 7 5.36 -7.16 -12.18
CA SER C 7 5.96 -8.29 -12.87
C SER C 7 7.29 -8.70 -12.19
N PRO C 8 7.49 -9.99 -11.88
CA PRO C 8 6.53 -11.11 -12.00
C PRO C 8 5.53 -11.07 -10.84
N SER C 9 4.52 -11.92 -10.84
CA SER C 9 3.59 -11.98 -9.72
C SER C 9 4.21 -12.84 -8.59
N SER C 10 5.06 -13.82 -8.99
CA SER C 10 5.78 -14.77 -8.14
C SER C 10 7.20 -14.87 -8.65
N LEU C 11 8.14 -14.85 -7.72
CA LEU C 11 9.57 -14.90 -8.01
C LEU C 11 10.23 -15.85 -7.04
N SER C 12 11.09 -16.75 -7.55
CA SER C 12 11.86 -17.67 -6.74
C SER C 12 13.32 -17.18 -6.74
N ALA C 13 13.91 -17.05 -5.55
CA ALA C 13 15.28 -16.60 -5.40
C ALA C 13 15.97 -17.26 -4.16
N SER C 14 17.31 -17.10 -4.08
CA SER C 14 18.10 -17.60 -2.98
C SER C 14 18.78 -16.44 -2.28
N VAL C 15 19.24 -16.68 -1.04
CA VAL C 15 20.00 -15.70 -0.26
C VAL C 15 21.23 -15.26 -1.10
N GLY C 16 21.47 -13.95 -1.17
CA GLY C 16 22.60 -13.39 -1.90
C GLY C 16 22.31 -12.96 -3.33
N ASP C 17 21.19 -13.43 -3.87
CA ASP C 17 20.80 -13.10 -5.23
C ASP C 17 20.43 -11.60 -5.38
N ARG C 18 20.65 -11.03 -6.58
CA ARG C 18 20.14 -9.72 -6.99
C ARG C 18 18.75 -9.99 -7.53
N VAL C 19 17.76 -9.30 -6.99
CA VAL C 19 16.36 -9.45 -7.37
C VAL C 19 15.81 -8.16 -7.90
N THR C 20 15.07 -8.20 -9.04
CA THR C 20 14.43 -7.04 -9.67
C THR C 20 12.91 -7.26 -9.82
N ILE C 21 12.10 -6.32 -9.34
CA ILE C 21 10.65 -6.35 -9.47
C ILE C 21 10.23 -5.11 -10.26
N THR C 22 9.43 -5.29 -11.29
CA THR C 22 9.00 -4.15 -12.09
C THR C 22 7.53 -3.80 -11.84
N CYS C 23 7.20 -2.54 -12.06
CA CYS C 23 5.88 -1.98 -11.85
C CYS C 23 5.57 -1.11 -13.05
N ARG C 24 4.42 -1.37 -13.69
CA ARG C 24 3.92 -0.63 -14.85
C ARG C 24 2.64 0.14 -14.49
N ALA C 25 2.66 1.47 -14.67
CA ALA C 25 1.50 2.30 -14.43
C ALA C 25 0.78 2.49 -15.78
N SER C 26 -0.58 2.44 -15.78
CA SER C 26 -1.41 2.59 -16.99
C SER C 26 -1.23 3.94 -17.70
N GLN C 27 -0.75 4.98 -16.97
CA GLN C 27 -0.47 6.33 -17.48
C GLN C 27 0.75 6.81 -16.74
N GLY C 28 1.40 7.86 -17.26
CA GLY C 28 2.58 8.45 -16.62
C GLY C 28 2.27 9.03 -15.24
N ILE C 29 3.10 8.67 -14.24
CA ILE C 29 2.96 9.12 -12.85
C ILE C 29 4.20 9.87 -12.37
N ASN C 30 5.03 10.32 -13.32
CA ASN C 30 6.31 11.03 -13.09
C ASN C 30 7.14 10.19 -12.15
N ASN C 31 7.46 10.71 -10.96
CA ASN C 31 8.23 9.93 -10.01
C ASN C 31 7.40 9.67 -8.72
N TYR C 32 6.07 9.89 -8.73
CA TYR C 32 5.14 9.66 -7.61
C TYR C 32 4.83 8.14 -7.37
N LEU C 33 5.85 7.36 -7.05
CA LEU C 33 5.65 5.94 -6.83
C LEU C 33 6.34 5.44 -5.56
N ASN C 34 5.65 4.63 -4.77
CA ASN C 34 6.17 4.01 -3.56
C ASN C 34 6.22 2.51 -3.68
N TRP C 35 7.14 1.89 -2.91
CA TRP C 35 7.32 0.44 -2.80
C TRP C 35 7.13 0.01 -1.35
N TYR C 36 6.36 -1.05 -1.12
CA TYR C 36 6.08 -1.61 0.21
C TYR C 36 6.47 -3.08 0.27
N GLN C 37 6.84 -3.54 1.45
CA GLN C 37 7.10 -4.95 1.74
C GLN C 37 6.02 -5.41 2.72
N GLN C 38 5.54 -6.61 2.55
CA GLN C 38 4.56 -7.17 3.47
C GLN C 38 4.78 -8.67 3.68
N LYS C 39 4.81 -9.07 4.94
CA LYS C 39 4.92 -10.45 5.36
C LYS C 39 3.56 -10.96 5.82
N PRO C 40 3.28 -12.27 5.72
CA PRO C 40 1.96 -12.77 6.16
C PRO C 40 1.61 -12.42 7.61
N GLY C 41 0.36 -11.95 7.79
CA GLY C 41 -0.17 -11.58 9.10
C GLY C 41 0.43 -10.30 9.65
N LYS C 42 1.18 -9.55 8.81
CA LYS C 42 1.79 -8.28 9.19
C LYS C 42 1.35 -7.15 8.27
N ALA C 43 1.44 -5.92 8.76
CA ALA C 43 1.09 -4.74 7.99
C ALA C 43 2.16 -4.44 6.94
N PRO C 44 1.84 -3.77 5.80
CA PRO C 44 2.92 -3.35 4.88
C PRO C 44 3.92 -2.40 5.56
N LYS C 45 5.12 -2.32 4.98
CA LYS C 45 6.23 -1.51 5.41
C LYS C 45 6.74 -0.69 4.24
N LEU C 46 6.80 0.67 4.39
CA LEU C 46 7.29 1.55 3.31
C LEU C 46 8.79 1.37 3.11
N LEU C 47 9.23 1.09 1.89
CA LEU C 47 10.65 0.91 1.58
C LEU C 47 11.17 2.12 0.84
N ILE C 48 10.48 2.49 -0.23
CA ILE C 48 10.90 3.53 -1.15
C ILE C 48 9.75 4.45 -1.40
N TYR C 49 9.98 5.76 -1.40
CA TYR C 49 8.97 6.79 -1.71
C TYR C 49 9.49 7.66 -2.88
N ASP C 50 8.57 8.18 -3.70
CA ASP C 50 8.96 9.03 -4.83
C ASP C 50 9.99 8.34 -5.78
N ALA C 51 9.73 7.08 -6.16
CA ALA C 51 10.49 6.24 -7.11
C ALA C 51 11.83 5.75 -6.65
N SER C 52 12.66 6.61 -6.05
CA SER C 52 14.05 6.27 -5.72
C SER C 52 14.53 6.65 -4.31
N LYS C 53 13.66 7.27 -3.49
CA LYS C 53 14.09 7.68 -2.17
C LYS C 53 13.88 6.59 -1.14
N LEU C 54 14.97 6.19 -0.50
CA LEU C 54 14.95 5.14 0.49
C LEU C 54 14.38 5.70 1.82
N GLN C 55 13.37 5.02 2.39
CA GLN C 55 12.78 5.46 3.66
C GLN C 55 13.78 5.20 4.76
N SER C 56 13.85 6.11 5.75
CA SER C 56 14.80 5.96 6.87
C SER C 56 14.50 4.68 7.64
N GLY C 57 15.55 3.93 7.96
CA GLY C 57 15.41 2.66 8.67
C GLY C 57 15.27 1.48 7.72
N VAL C 58 15.29 1.74 6.42
CA VAL C 58 15.22 0.67 5.42
C VAL C 58 16.66 0.37 4.96
N PRO C 59 17.09 -0.92 4.95
CA PRO C 59 18.47 -1.24 4.51
C PRO C 59 18.80 -0.75 3.10
N SER C 60 20.03 -0.26 2.88
CA SER C 60 20.52 0.28 1.61
C SER C 60 20.52 -0.70 0.43
N ARG C 61 20.32 -2.01 0.69
CA ARG C 61 20.26 -3.05 -0.34
C ARG C 61 19.01 -2.91 -1.22
N PHE C 62 18.05 -2.13 -0.73
CA PHE C 62 16.82 -1.83 -1.44
C PHE C 62 17.03 -0.51 -2.18
N SER C 63 16.76 -0.54 -3.49
CA SER C 63 16.86 0.67 -4.32
C SER C 63 15.75 0.67 -5.35
N GLY C 64 15.25 1.86 -5.62
CA GLY C 64 14.19 2.03 -6.60
C GLY C 64 14.64 2.89 -7.74
N SER C 65 14.10 2.65 -8.92
CA SER C 65 14.41 3.45 -10.09
C SER C 65 13.19 3.49 -11.01
N GLY C 66 13.27 4.33 -12.04
CA GLY C 66 12.21 4.49 -13.02
C GLY C 66 11.51 5.82 -12.92
N SER C 67 10.76 6.14 -13.95
CA SER C 67 10.01 7.38 -14.07
C SER C 67 8.97 7.19 -15.16
N GLY C 68 7.91 7.96 -15.08
CA GLY C 68 6.84 7.87 -16.05
C GLY C 68 5.93 6.70 -15.77
N THR C 69 6.08 5.63 -16.55
CA THR C 69 5.23 4.44 -16.44
C THR C 69 5.95 3.18 -15.98
N ASP C 70 7.29 3.14 -16.07
CA ASP C 70 8.03 1.92 -15.73
C ASP C 70 8.95 2.11 -14.55
N PHE C 71 8.76 1.28 -13.54
CA PHE C 71 9.52 1.38 -12.29
C PHE C 71 10.18 0.05 -11.92
N THR C 72 11.30 0.11 -11.18
CA THR C 72 12.03 -1.07 -10.77
C THR C 72 12.46 -1.04 -9.30
N LEU C 73 12.14 -2.11 -8.57
CA LEU C 73 12.64 -2.30 -7.21
C LEU C 73 13.74 -3.38 -7.31
N THR C 74 14.95 -3.02 -6.88
CA THR C 74 16.10 -3.91 -6.90
C THR C 74 16.54 -4.24 -5.47
N ILE C 75 16.71 -5.53 -5.19
CA ILE C 75 17.23 -5.98 -3.90
C ILE C 75 18.58 -6.58 -4.23
N SER C 76 19.67 -5.98 -3.79
CA SER C 76 21.00 -6.46 -4.12
C SER C 76 21.39 -7.88 -3.54
N SER C 77 21.82 -8.06 -2.28
CA SER C 77 22.13 -9.35 -1.69
C SER C 77 20.88 -9.71 -0.89
N LEU C 78 19.93 -10.41 -1.51
CA LEU C 78 18.67 -10.84 -0.89
C LEU C 78 18.95 -11.63 0.40
N GLN C 79 18.39 -11.14 1.50
CA GLN C 79 18.60 -11.78 2.82
C GLN C 79 17.40 -12.69 3.17
N PRO C 80 17.54 -13.59 4.17
CA PRO C 80 16.43 -14.49 4.50
C PRO C 80 15.12 -13.77 4.86
N GLU C 81 15.23 -12.64 5.57
CA GLU C 81 14.09 -11.86 6.02
C GLU C 81 13.43 -11.07 4.87
N ASP C 82 13.95 -11.14 3.63
CA ASP C 82 13.39 -10.41 2.48
C ASP C 82 12.36 -11.21 1.74
N PHE C 83 12.20 -12.50 2.10
CA PHE C 83 11.20 -13.36 1.48
C PHE C 83 9.82 -12.92 2.05
N ALA C 84 9.03 -12.27 1.17
CA ALA C 84 7.81 -11.57 1.47
C ALA C 84 7.15 -11.19 0.17
N THR C 85 6.04 -10.40 0.28
CA THR C 85 5.31 -9.85 -0.85
C THR C 85 5.68 -8.38 -0.95
N TYR C 86 5.92 -7.91 -2.17
CA TYR C 86 6.28 -6.52 -2.44
C TYR C 86 5.18 -5.88 -3.29
N TYR C 87 4.81 -4.63 -2.97
CA TYR C 87 3.78 -3.89 -3.69
C TYR C 87 4.28 -2.52 -4.13
N CYS C 88 3.91 -2.09 -5.32
CA CYS C 88 4.17 -0.73 -5.74
C CYS C 88 2.85 0.03 -5.54
N GLN C 89 2.90 1.36 -5.44
CA GLN C 89 1.72 2.22 -5.23
C GLN C 89 1.90 3.60 -5.88
N GLN C 90 0.97 4.00 -6.72
CA GLN C 90 1.05 5.35 -7.26
C GLN C 90 0.46 6.33 -6.23
N TYR C 91 1.03 7.53 -6.17
CA TYR C 91 0.41 8.52 -5.37
C TYR C 91 0.10 9.79 -6.17
N LEU C 92 0.10 9.71 -7.51
CA LEU C 92 -0.18 10.91 -8.35
C LEU C 92 -1.65 11.43 -8.32
N GLN C 93 -2.64 10.53 -8.48
CA GLN C 93 -4.04 10.88 -8.51
C GLN C 93 -4.85 10.02 -7.54
N TYR C 94 -6.03 10.52 -7.17
CA TYR C 94 -6.97 9.76 -6.34
C TYR C 94 -7.73 8.80 -7.23
N PRO C 95 -8.06 7.58 -6.76
CA PRO C 95 -7.73 6.99 -5.46
C PRO C 95 -6.30 6.48 -5.48
N MET C 96 -5.63 6.39 -4.34
CA MET C 96 -4.28 5.82 -4.32
C MET C 96 -4.44 4.36 -4.74
N THR C 97 -3.67 3.88 -5.76
CA THR C 97 -3.80 2.49 -6.24
C THR C 97 -2.48 1.70 -6.12
N PHE C 98 -2.59 0.39 -5.82
CA PHE C 98 -1.45 -0.51 -5.63
C PHE C 98 -1.35 -1.57 -6.74
N GLY C 99 -0.12 -2.08 -6.95
CA GLY C 99 0.15 -3.19 -7.86
C GLY C 99 -0.37 -4.45 -7.21
N GLN C 100 -0.54 -5.59 -7.96
CA GLN C 100 -1.13 -6.75 -7.32
C GLN C 100 -0.18 -7.59 -6.49
N GLY C 101 1.05 -7.15 -6.38
CA GLY C 101 2.02 -7.79 -5.52
C GLY C 101 2.90 -8.80 -6.19
N THR C 102 4.17 -8.91 -5.70
CA THR C 102 5.17 -9.88 -6.13
C THR C 102 5.58 -10.70 -4.91
N LYS C 103 5.28 -12.01 -4.92
CA LYS C 103 5.66 -12.85 -3.80
C LYS C 103 7.03 -13.37 -4.08
N VAL C 104 7.97 -13.16 -3.15
CA VAL C 104 9.36 -13.63 -3.29
C VAL C 104 9.53 -14.86 -2.37
N GLU C 105 9.65 -16.05 -2.98
CA GLU C 105 9.72 -17.36 -2.31
C GLU C 105 11.13 -17.93 -2.48
N ILE C 106 11.50 -18.92 -1.65
CA ILE C 106 12.83 -19.55 -1.63
C ILE C 106 12.94 -20.57 -2.70
N LYS C 107 14.08 -20.56 -3.45
CA LYS C 107 14.38 -21.56 -4.47
C LYS C 107 14.79 -22.81 -3.78
N ARG C 108 14.46 -23.93 -4.41
CA ARG C 108 14.76 -25.24 -3.94
C ARG C 108 14.86 -26.10 -5.21
N THR C 109 15.40 -27.33 -5.14
CA THR C 109 15.40 -28.22 -6.29
C THR C 109 13.95 -28.75 -6.48
N VAL C 110 13.60 -29.21 -7.71
CA VAL C 110 12.28 -29.82 -8.00
C VAL C 110 12.10 -31.06 -7.11
N ALA C 111 10.94 -31.19 -6.48
CA ALA C 111 10.60 -32.33 -5.65
C ALA C 111 9.18 -32.75 -6.00
N ALA C 112 9.02 -34.01 -6.43
CA ALA C 112 7.73 -34.60 -6.79
C ALA C 112 6.92 -34.79 -5.50
N PRO C 113 5.59 -34.63 -5.53
CA PRO C 113 4.82 -34.87 -4.31
C PRO C 113 4.64 -36.37 -4.04
N SER C 114 4.51 -36.73 -2.77
CA SER C 114 4.11 -38.09 -2.44
C SER C 114 2.58 -37.91 -2.30
N VAL C 115 1.79 -38.77 -2.96
CA VAL C 115 0.33 -38.61 -2.99
C VAL C 115 -0.38 -39.65 -2.13
N PHE C 116 -1.39 -39.20 -1.36
CA PHE C 116 -2.19 -40.04 -0.46
C PHE C 116 -3.68 -39.73 -0.63
N ILE C 117 -4.53 -40.75 -0.57
CA ILE C 117 -5.98 -40.59 -0.67
C ILE C 117 -6.66 -41.13 0.60
N PHE C 118 -7.57 -40.33 1.19
CA PHE C 118 -8.31 -40.71 2.38
C PHE C 118 -9.80 -40.83 2.11
N PRO C 119 -10.40 -42.03 2.30
CA PRO C 119 -11.86 -42.14 2.14
C PRO C 119 -12.58 -41.40 3.26
N PRO C 120 -13.88 -41.04 3.14
CA PRO C 120 -14.56 -40.42 4.29
C PRO C 120 -14.61 -41.40 5.44
N SER C 121 -14.51 -40.91 6.67
CA SER C 121 -14.55 -41.77 7.86
C SER C 121 -15.97 -42.28 8.07
N ASP C 122 -16.13 -43.40 8.80
CA ASP C 122 -17.44 -43.94 9.13
C ASP C 122 -18.18 -42.95 10.02
N GLU C 123 -17.44 -42.26 10.92
CA GLU C 123 -17.97 -41.22 11.83
C GLU C 123 -18.68 -40.12 11.03
N GLN C 124 -18.03 -39.61 9.93
CA GLN C 124 -18.61 -38.55 9.08
C GLN C 124 -19.84 -39.03 8.33
N LEU C 125 -19.74 -40.25 7.76
CA LEU C 125 -20.82 -40.90 7.00
C LEU C 125 -22.16 -40.90 7.75
N LYS C 126 -22.11 -41.11 9.10
CA LYS C 126 -23.29 -41.07 9.98
C LYS C 126 -24.06 -39.75 9.85
N SER C 127 -23.33 -38.61 9.75
CA SER C 127 -23.92 -37.27 9.63
C SER C 127 -24.61 -36.98 8.26
N GLY C 128 -24.38 -37.85 7.27
CA GLY C 128 -25.00 -37.73 5.95
C GLY C 128 -24.16 -37.01 4.91
N THR C 129 -22.88 -36.77 5.23
CA THR C 129 -21.93 -36.09 4.33
C THR C 129 -20.66 -36.93 4.13
N ALA C 130 -20.03 -36.78 2.96
CA ALA C 130 -18.81 -37.50 2.61
C ALA C 130 -17.73 -36.57 2.04
N SER C 131 -16.58 -36.50 2.72
CA SER C 131 -15.42 -35.71 2.30
C SER C 131 -14.29 -36.69 1.96
N VAL C 132 -13.80 -36.61 0.71
CA VAL C 132 -12.72 -37.47 0.21
C VAL C 132 -11.50 -36.58 0.11
N VAL C 133 -10.42 -36.90 0.82
CA VAL C 133 -9.24 -36.04 0.85
C VAL C 133 -8.04 -36.64 0.10
N CYS C 134 -7.47 -35.85 -0.81
CA CYS C 134 -6.25 -36.18 -1.54
C CYS C 134 -5.18 -35.25 -1.07
N LEU C 135 -4.07 -35.80 -0.60
CA LEU C 135 -2.93 -35.04 -0.09
C LEU C 135 -1.73 -35.13 -1.03
N LEU C 136 -1.15 -33.96 -1.40
CA LEU C 136 0.08 -33.89 -2.19
C LEU C 136 1.07 -33.36 -1.19
N ASN C 137 2.01 -34.19 -0.78
CA ASN C 137 2.94 -33.87 0.27
C ASN C 137 4.34 -33.49 -0.19
N ASN C 138 4.84 -32.37 0.36
CA ASN C 138 6.20 -31.85 0.20
C ASN C 138 6.72 -31.83 -1.23
N PHE C 139 6.14 -30.94 -2.04
CA PHE C 139 6.55 -30.79 -3.42
C PHE C 139 7.09 -29.38 -3.71
N TYR C 140 7.83 -29.25 -4.81
CA TYR C 140 8.38 -27.98 -5.28
C TYR C 140 8.58 -28.11 -6.80
N PRO C 141 8.13 -27.15 -7.63
CA PRO C 141 7.48 -25.85 -7.30
C PRO C 141 6.03 -25.98 -6.84
N ARG C 142 5.44 -24.87 -6.37
CA ARG C 142 4.07 -24.79 -5.88
C ARG C 142 3.00 -25.24 -6.91
N GLU C 143 3.28 -25.10 -8.22
CA GLU C 143 2.34 -25.48 -9.29
C GLU C 143 2.07 -26.98 -9.29
N ALA C 144 0.78 -27.33 -9.18
CA ALA C 144 0.32 -28.71 -9.21
C ALA C 144 -1.12 -28.75 -9.72
N LYS C 145 -1.46 -29.84 -10.41
CA LYS C 145 -2.81 -30.04 -10.95
C LYS C 145 -3.41 -31.31 -10.35
N VAL C 146 -4.60 -31.19 -9.74
CA VAL C 146 -5.30 -32.31 -9.10
C VAL C 146 -6.63 -32.53 -9.83
N GLN C 147 -6.84 -33.77 -10.34
CA GLN C 147 -8.03 -34.17 -11.08
C GLN C 147 -8.76 -35.32 -10.35
N TRP C 148 -10.04 -35.12 -10.02
CA TRP C 148 -10.84 -36.15 -9.35
C TRP C 148 -11.70 -36.93 -10.35
N LYS C 149 -11.74 -38.24 -10.18
CA LYS C 149 -12.58 -39.11 -11.00
C LYS C 149 -13.37 -40.04 -10.08
N VAL C 150 -14.68 -40.13 -10.32
CA VAL C 150 -15.56 -41.01 -9.56
C VAL C 150 -16.16 -41.97 -10.60
N ASP C 151 -15.78 -43.28 -10.51
CA ASP C 151 -16.16 -44.33 -11.47
C ASP C 151 -15.86 -43.89 -12.91
N ASN C 152 -14.63 -43.34 -13.13
CA ASN C 152 -14.06 -42.81 -14.38
C ASN C 152 -14.71 -41.51 -14.89
N ALA C 153 -15.63 -40.91 -14.10
CA ALA C 153 -16.28 -39.64 -14.44
C ALA C 153 -15.55 -38.47 -13.77
N LEU C 154 -14.99 -37.57 -14.61
CA LEU C 154 -14.27 -36.37 -14.21
C LEU C 154 -15.22 -35.48 -13.39
N GLN C 155 -14.80 -35.14 -12.16
CA GLN C 155 -15.58 -34.30 -11.25
C GLN C 155 -15.30 -32.83 -11.50
N SER C 156 -16.33 -31.97 -11.32
CA SER C 156 -16.25 -30.53 -11.52
C SER C 156 -17.10 -29.76 -10.52
N GLY C 157 -16.53 -28.71 -9.94
CA GLY C 157 -17.17 -27.80 -8.99
C GLY C 157 -17.48 -28.33 -7.60
N ASN C 158 -17.10 -29.58 -7.28
CA ASN C 158 -17.35 -30.21 -5.98
C ASN C 158 -16.06 -30.48 -5.17
N SER C 159 -14.97 -29.79 -5.51
CA SER C 159 -13.69 -29.93 -4.81
C SER C 159 -13.07 -28.59 -4.44
N GLN C 160 -12.37 -28.57 -3.31
CA GLN C 160 -11.70 -27.38 -2.77
C GLN C 160 -10.27 -27.73 -2.43
N GLU C 161 -9.35 -26.85 -2.82
CA GLU C 161 -7.93 -27.04 -2.54
C GLU C 161 -7.48 -26.07 -1.47
N SER C 162 -6.48 -26.49 -0.70
CA SER C 162 -5.83 -25.65 0.29
C SER C 162 -4.34 -25.95 0.17
N VAL C 163 -3.52 -24.89 0.17
CA VAL C 163 -2.06 -25.01 0.04
C VAL C 163 -1.41 -24.40 1.29
N THR C 164 -0.42 -25.10 1.85
CA THR C 164 0.30 -24.58 3.01
C THR C 164 1.28 -23.53 2.50
N GLU C 165 1.77 -22.70 3.43
CA GLU C 165 2.80 -21.72 3.14
C GLU C 165 4.07 -22.55 2.89
N GLN C 166 5.07 -21.97 2.24
CA GLN C 166 6.34 -22.66 2.00
C GLN C 166 6.97 -23.09 3.34
N ASP C 167 7.34 -24.39 3.43
CA ASP C 167 7.89 -24.99 4.64
C ASP C 167 9.20 -24.32 5.05
N SER C 168 9.29 -24.03 6.37
CA SER C 168 10.43 -23.36 7.03
C SER C 168 11.66 -24.22 7.06
N LYS C 169 11.50 -25.53 7.07
CA LYS C 169 12.64 -26.45 7.10
C LYS C 169 13.12 -26.90 5.70
N ASP C 170 12.18 -27.29 4.80
CA ASP C 170 12.60 -27.83 3.51
C ASP C 170 12.16 -27.05 2.27
N SER C 171 11.56 -25.85 2.41
CA SER C 171 11.13 -24.97 1.31
C SER C 171 10.13 -25.63 0.31
N THR C 172 9.37 -26.65 0.76
CA THR C 172 8.37 -27.31 -0.09
C THR C 172 6.97 -26.80 0.23
N TYR C 173 6.01 -27.22 -0.59
CA TYR C 173 4.60 -26.91 -0.45
C TYR C 173 3.87 -28.22 -0.28
N SER C 174 2.73 -28.18 0.39
CA SER C 174 1.84 -29.32 0.51
C SER C 174 0.46 -28.85 0.17
N LEU C 175 -0.32 -29.71 -0.45
CA LEU C 175 -1.65 -29.33 -0.90
C LEU C 175 -2.67 -30.40 -0.54
N SER C 176 -3.89 -29.98 -0.18
CA SER C 176 -4.98 -30.91 0.07
C SER C 176 -6.09 -30.56 -0.87
N SER C 177 -6.67 -31.57 -1.50
CA SER C 177 -7.83 -31.40 -2.36
C SER C 177 -8.92 -32.23 -1.71
N THR C 178 -10.05 -31.59 -1.36
CA THR C 178 -11.17 -32.25 -0.71
C THR C 178 -12.37 -32.30 -1.66
N LEU C 179 -12.81 -33.53 -2.01
CA LEU C 179 -13.99 -33.78 -2.85
C LEU C 179 -15.18 -33.92 -1.87
N THR C 180 -16.22 -33.05 -2.04
CA THR C 180 -17.38 -33.08 -1.15
C THR C 180 -18.62 -33.57 -1.88
N LEU C 181 -19.22 -34.61 -1.32
CA LEU C 181 -20.43 -35.23 -1.85
C LEU C 181 -21.38 -35.54 -0.71
N SER C 182 -22.65 -35.70 -1.04
CA SER C 182 -23.67 -36.16 -0.10
C SER C 182 -23.41 -37.64 0.12
N LYS C 183 -23.83 -38.20 1.28
CA LYS C 183 -23.68 -39.63 1.57
C LYS C 183 -24.40 -40.44 0.45
N ALA C 184 -25.56 -39.95 -0.02
CA ALA C 184 -26.38 -40.53 -1.10
C ALA C 184 -25.55 -40.72 -2.38
N ASP C 185 -24.88 -39.65 -2.87
CA ASP C 185 -24.01 -39.72 -4.04
C ASP C 185 -22.79 -40.61 -3.80
N TYR C 186 -22.18 -40.55 -2.61
CA TYR C 186 -21.01 -41.37 -2.26
C TYR C 186 -21.30 -42.88 -2.31
N GLU C 187 -22.46 -43.29 -1.80
CA GLU C 187 -22.86 -44.70 -1.75
C GLU C 187 -23.28 -45.26 -3.10
N LYS C 188 -23.56 -44.41 -4.11
CA LYS C 188 -23.93 -44.96 -5.41
C LYS C 188 -22.72 -45.12 -6.35
N HIS C 189 -21.47 -44.91 -5.83
CA HIS C 189 -20.26 -45.08 -6.63
C HIS C 189 -19.18 -45.93 -5.94
N LYS C 190 -18.35 -46.62 -6.74
CA LYS C 190 -17.32 -47.53 -6.23
C LYS C 190 -15.89 -46.97 -6.22
N VAL C 191 -15.35 -46.59 -7.41
CA VAL C 191 -13.96 -46.15 -7.62
C VAL C 191 -13.79 -44.63 -7.43
N TYR C 192 -12.99 -44.24 -6.42
CA TYR C 192 -12.66 -42.84 -6.10
C TYR C 192 -11.16 -42.63 -6.36
N ALA C 193 -10.84 -41.80 -7.36
CA ALA C 193 -9.46 -41.57 -7.77
C ALA C 193 -9.06 -40.11 -7.84
N CYS C 194 -7.83 -39.87 -7.44
CA CYS C 194 -7.19 -38.56 -7.43
C CYS C 194 -6.02 -38.67 -8.40
N GLU C 195 -5.98 -37.79 -9.41
CA GLU C 195 -4.89 -37.77 -10.39
C GLU C 195 -4.06 -36.50 -10.23
N VAL C 196 -2.75 -36.68 -10.07
CA VAL C 196 -1.82 -35.58 -9.80
C VAL C 196 -0.82 -35.37 -10.91
N THR C 197 -0.76 -34.12 -11.41
CA THR C 197 0.19 -33.68 -12.43
C THR C 197 1.12 -32.64 -11.79
N HIS C 198 2.44 -32.92 -11.80
CA HIS C 198 3.49 -32.07 -11.25
C HIS C 198 4.78 -32.30 -12.00
N GLN C 199 5.60 -31.24 -12.06
CA GLN C 199 6.90 -31.15 -12.72
C GLN C 199 7.86 -32.31 -12.40
N GLY C 200 7.90 -32.71 -11.12
CA GLY C 200 8.75 -33.79 -10.63
C GLY C 200 8.30 -35.20 -10.97
N LEU C 201 7.09 -35.36 -11.53
CA LEU C 201 6.51 -36.66 -11.91
C LEU C 201 6.64 -36.85 -13.41
N SER C 202 7.21 -38.02 -13.83
CA SER C 202 7.42 -38.43 -15.23
C SER C 202 6.08 -38.52 -15.96
N SER C 203 5.06 -39.01 -15.27
CA SER C 203 3.71 -39.13 -15.78
C SER C 203 2.75 -38.79 -14.64
N PRO C 204 1.52 -38.28 -14.92
CA PRO C 204 0.57 -38.03 -13.82
C PRO C 204 0.36 -39.28 -12.96
N VAL C 205 0.30 -39.10 -11.63
CA VAL C 205 0.14 -40.21 -10.68
C VAL C 205 -1.28 -40.31 -10.17
N THR C 206 -1.82 -41.54 -10.11
CA THR C 206 -3.18 -41.80 -9.64
C THR C 206 -3.20 -42.66 -8.39
N LYS C 207 -3.90 -42.17 -7.37
CA LYS C 207 -4.14 -42.87 -6.10
C LYS C 207 -5.65 -43.02 -6.03
N SER C 208 -6.10 -44.25 -5.77
CA SER C 208 -7.52 -44.55 -5.74
C SER C 208 -7.87 -45.59 -4.68
N PHE C 209 -9.18 -45.76 -4.43
CA PHE C 209 -9.73 -46.77 -3.55
C PHE C 209 -11.09 -47.18 -4.06
N ASN C 210 -11.57 -48.33 -3.60
CA ASN C 210 -12.90 -48.82 -3.89
C ASN C 210 -13.68 -48.69 -2.58
N ARG C 211 -14.83 -48.00 -2.64
CA ARG C 211 -15.73 -47.81 -1.49
C ARG C 211 -16.11 -49.17 -0.88
N GLY C 212 -15.87 -49.34 0.42
CA GLY C 212 -16.10 -50.59 1.14
C GLY C 212 -15.07 -51.68 0.91
#